data_5MI4
#
_entry.id   5MI4
#
_cell.length_a   195.034
_cell.length_b   51.655
_cell.length_c   111.871
_cell.angle_alpha   90.00
_cell.angle_beta   113.41
_cell.angle_gamma   90.00
#
_symmetry.space_group_name_H-M   'C 1 2 1'
#
loop_
_entity.id
_entity.type
_entity.pdbx_description
1 polymer 'O-GlcNAcase BT_4395'
2 non-polymer ~{N}-(4-ethoxyquinazolin-2-yl)propanamide
3 non-polymer 1,2-ETHANEDIOL
4 non-polymer 'CALCIUM ION'
5 water water
#
_entity_poly.entity_id   1
_entity_poly.type   'polypeptide(L)'
_entity_poly.pdbx_seq_one_letter_code
;MGSSHHHHHHQWNVSLQPPPQQLIVQNKTIDLPAVYQLNGGEEANPHAVKVLKELLSGKQSSKKGMLISIGEKGDKSVRK
YSRQIPDHKEGYYLSVNEKEIVLAGNDERGTYYALQTFAQLLKDGKLPEVEIKDYPSVRYRGVVEGFYGTPWSHQARLSQ
LKFYGKNKMNTYIYGPKDDPYHSAPNWRLPYPDKEAAQLQELVAVANENEVDFVWAIHPGQDIKWNKEDRDLLLAKFEKM
YQLGVRSFAVFFDDISGEGTNPQKQAELLNYIDEKFAQVKPDINQLVMCPTEYNKSWSNPNGNYLTTLGDKLNPSIQIMW
TGDRVISDITRDGISWINERIKRPAYIWWNFPVSDYVRDHLLLGPVYGNDTTIAKEMSGFVTNPMEHAESSKIAIYSVAS
YAWNPAKYDTWQTWKDAIRTILPSAAEELESFAMHNSDLGPNGHGYRREESMDIQPAAERFLKAFKEGKNYDKADFETLQ
YTFERMKESADILLMNTENKPLIVEITPWVHQFKLTAEMGEEVLKMVEGRNESYFLRKYNHVKALQQQMFYIDQTSNQNP
CQPGVKTATRVIKPLIDRTFATVVKFFNQKFNAHLDATTDYMPHKMISNVEQIKNLPLQVKANRVLISPANEVVKWAAGN
SVEIELDAIYPGENIQINFGKDAPSTWGRLEISTDGKEWKTVDLKQKESRLSAGLQKAPVKFVRFTNVSDEEQQVYLRQF
VLTIEKK
;
_entity_poly.pdbx_strand_id   A
#
loop_
_chem_comp.id
_chem_comp.type
_chem_comp.name
_chem_comp.formula
7NQ non-polymer ~{N}-(4-ethoxyquinazolin-2-yl)propanamide 'C13 H15 N3 O2'
CA non-polymer 'CALCIUM ION' 'Ca 2'
EDO non-polymer 1,2-ETHANEDIOL 'C2 H6 O2'
#
# COMPACT_ATOMS: atom_id res chain seq x y z
N SER A 15 -6.60 18.45 -14.56
CA SER A 15 -5.31 18.36 -13.88
C SER A 15 -4.49 17.29 -14.65
N LEU A 16 -3.58 17.74 -15.56
CA LEU A 16 -2.63 16.81 -16.16
C LEU A 16 -1.79 16.14 -15.11
N GLN A 17 -1.69 14.80 -15.17
CA GLN A 17 -0.96 14.01 -14.19
C GLN A 17 -0.12 12.94 -14.91
N PRO A 18 1.17 12.90 -14.65
CA PRO A 18 1.88 13.88 -13.88
C PRO A 18 1.92 15.28 -14.56
N PRO A 19 2.16 16.33 -13.76
CA PRO A 19 2.13 17.64 -14.43
C PRO A 19 3.41 17.82 -15.23
N PRO A 20 3.28 18.32 -16.45
CA PRO A 20 4.50 18.48 -17.26
C PRO A 20 5.52 19.52 -16.75
N GLN A 21 6.75 19.37 -17.19
CA GLN A 21 7.85 20.23 -16.77
C GLN A 21 7.57 21.66 -17.22
N GLN A 22 7.10 21.82 -18.46
CA GLN A 22 6.78 23.14 -18.98
CA GLN A 22 6.81 23.14 -19.03
C GLN A 22 5.51 23.09 -19.81
N LEU A 23 4.60 24.01 -19.53
CA LEU A 23 3.31 24.03 -20.18
C LEU A 23 2.94 25.50 -20.40
N ILE A 24 2.48 25.83 -21.60
CA ILE A 24 1.98 27.17 -21.94
C ILE A 24 0.65 26.93 -22.63
N VAL A 25 -0.44 27.41 -22.02
CA VAL A 25 -1.82 27.22 -22.52
C VAL A 25 -2.31 28.58 -22.99
N GLN A 26 -3.03 28.61 -24.13
CA GLN A 26 -3.86 29.78 -24.50
C GLN A 26 -5.28 29.55 -24.00
N ASN A 27 -6.07 30.62 -23.91
CA ASN A 27 -7.52 30.48 -23.66
C ASN A 27 -8.23 30.37 -24.99
N LYS A 28 -8.00 29.23 -25.62
CA LYS A 28 -8.46 28.92 -26.97
C LYS A 28 -8.59 27.43 -27.10
N THR A 29 -9.57 27.00 -27.89
CA THR A 29 -9.94 25.61 -28.05
C THR A 29 -10.00 25.26 -29.52
N ILE A 30 -9.62 24.03 -29.88
CA ILE A 30 -9.86 23.52 -31.23
C ILE A 30 -10.59 22.20 -31.11
N ASP A 31 -11.35 21.85 -32.14
CA ASP A 31 -11.94 20.54 -32.22
C ASP A 31 -10.88 19.55 -32.66
N LEU A 32 -10.90 18.36 -32.04
CA LEU A 32 -10.20 17.23 -32.63
C LEU A 32 -10.69 17.15 -34.07
N PRO A 33 -9.78 17.15 -35.06
CA PRO A 33 -10.20 17.42 -36.42
C PRO A 33 -10.97 16.26 -37.04
N ALA A 34 -12.13 16.56 -37.64
CA ALA A 34 -12.95 15.56 -38.35
C ALA A 34 -12.21 14.94 -39.52
N VAL A 35 -11.37 15.75 -40.17
CA VAL A 35 -10.49 15.29 -41.25
C VAL A 35 -9.04 15.64 -40.91
N TYR A 36 -8.17 14.64 -40.96
CA TYR A 36 -6.81 14.80 -40.45
C TYR A 36 -5.85 14.18 -41.42
N GLN A 37 -4.68 14.79 -41.57
CA GLN A 37 -3.59 14.18 -42.30
C GLN A 37 -2.48 13.65 -41.33
N LEU A 38 -2.29 12.33 -41.26
CA LEU A 38 -1.31 11.76 -40.34
C LEU A 38 0.05 11.59 -41.00
N ASN A 39 1.05 12.26 -40.43
CA ASN A 39 2.40 12.17 -40.87
C ASN A 39 3.19 11.42 -39.77
N GLY A 40 3.83 10.31 -40.11
CA GLY A 40 4.68 9.57 -39.19
C GLY A 40 4.09 8.27 -38.64
N GLY A 41 2.87 7.92 -39.06
CA GLY A 41 2.17 6.68 -38.62
C GLY A 41 2.99 5.42 -38.79
N GLU A 42 3.82 5.37 -39.83
CA GLU A 42 4.66 4.20 -40.06
C GLU A 42 6.05 4.29 -39.44
N GLU A 43 6.49 5.45 -38.94
CA GLU A 43 7.85 5.56 -38.41
CA GLU A 43 7.85 5.69 -38.44
C GLU A 43 7.93 5.78 -36.90
N ALA A 44 6.82 6.21 -36.30
CA ALA A 44 6.73 6.43 -34.85
C ALA A 44 6.52 5.14 -34.08
N ASN A 45 6.81 5.21 -32.80
CA ASN A 45 6.56 4.09 -31.85
C ASN A 45 5.19 3.51 -32.12
N PRO A 46 5.12 2.22 -32.52
CA PRO A 46 3.80 1.65 -32.83
C PRO A 46 2.82 1.69 -31.63
N HIS A 47 3.33 1.62 -30.40
CA HIS A 47 2.47 1.73 -29.19
C HIS A 47 1.87 3.08 -29.02
N ALA A 48 2.59 4.12 -29.43
CA ALA A 48 2.02 5.47 -29.44
C ALA A 48 1.03 5.66 -30.58
N VAL A 49 1.39 5.17 -31.74
CA VAL A 49 0.47 5.25 -32.90
C VAL A 49 -0.90 4.57 -32.61
N LYS A 50 -0.86 3.44 -31.93
CA LYS A 50 -2.09 2.75 -31.52
C LYS A 50 -2.99 3.60 -30.64
N VAL A 51 -2.41 4.26 -29.65
CA VAL A 51 -3.16 5.20 -28.85
C VAL A 51 -3.77 6.30 -29.71
N LEU A 52 -2.99 6.86 -30.63
CA LEU A 52 -3.49 7.98 -31.44
C LEU A 52 -4.65 7.54 -32.32
N LYS A 53 -4.52 6.37 -32.91
CA LYS A 53 -5.59 5.87 -33.78
C LYS A 53 -6.87 5.52 -33.04
N GLU A 54 -6.78 5.00 -31.82
CA GLU A 54 -7.95 4.83 -30.94
CA GLU A 54 -7.99 4.81 -31.01
C GLU A 54 -8.62 6.18 -30.70
N LEU A 55 -7.82 7.21 -30.42
CA LEU A 55 -8.37 8.54 -30.16
C LEU A 55 -9.04 9.19 -31.40
N LEU A 56 -8.54 8.87 -32.59
CA LEU A 56 -9.06 9.39 -33.85
C LEU A 56 -10.07 8.41 -34.53
N SER A 57 -10.57 7.41 -33.77
CA SER A 57 -11.43 6.32 -34.28
CA SER A 57 -11.37 6.32 -34.35
C SER A 57 -12.57 6.84 -35.13
N GLY A 58 -13.25 7.86 -34.62
CA GLY A 58 -14.38 8.46 -35.36
C GLY A 58 -14.06 9.15 -36.69
N LYS A 59 -12.83 9.62 -36.86
CA LYS A 59 -12.47 10.65 -37.84
C LYS A 59 -11.91 10.10 -39.14
N GLN A 60 -11.74 10.97 -40.14
CA GLN A 60 -11.31 10.53 -41.49
C GLN A 60 -9.85 10.89 -41.77
N SER A 61 -9.04 9.88 -42.02
CA SER A 61 -7.70 10.03 -42.56
C SER A 61 -7.78 10.51 -44.01
N SER A 62 -7.21 11.67 -44.29
CA SER A 62 -7.16 12.24 -45.64
C SER A 62 -5.75 12.75 -45.96
N LYS A 63 -5.50 13.07 -47.23
CA LYS A 63 -4.25 13.76 -47.63
C LYS A 63 -4.38 15.27 -47.42
N LYS A 64 -5.62 15.74 -47.30
CA LYS A 64 -5.95 17.09 -46.88
C LYS A 64 -6.44 17.05 -45.43
N GLY A 65 -6.72 18.21 -44.87
CA GLY A 65 -7.16 18.29 -43.47
C GLY A 65 -6.00 18.57 -42.52
N MET A 66 -6.32 18.60 -41.24
CA MET A 66 -5.39 19.13 -40.25
C MET A 66 -4.20 18.19 -40.11
N LEU A 67 -2.99 18.72 -40.20
CA LEU A 67 -1.77 17.91 -40.10
C LEU A 67 -1.58 17.49 -38.62
N ILE A 68 -1.34 16.21 -38.42
CA ILE A 68 -0.94 15.66 -37.14
C ILE A 68 0.35 14.90 -37.41
N SER A 69 1.43 15.31 -36.74
CA SER A 69 2.75 14.74 -36.96
C SER A 69 3.14 14.02 -35.68
N ILE A 70 3.52 12.76 -35.81
CA ILE A 70 3.96 11.93 -34.72
C ILE A 70 5.29 11.34 -35.07
N GLY A 71 6.26 11.30 -34.13
CA GLY A 71 7.48 10.67 -34.44
C GLY A 71 8.46 10.87 -33.29
N GLU A 72 9.59 10.22 -33.42
CA GLU A 72 10.74 10.40 -32.56
C GLU A 72 11.74 11.28 -33.30
N LYS A 73 12.57 11.98 -32.53
CA LYS A 73 13.68 12.74 -33.07
C LYS A 73 14.50 11.83 -34.00
N GLY A 74 14.77 12.31 -35.22
CA GLY A 74 15.38 11.45 -36.26
C GLY A 74 14.40 10.97 -37.31
N ASP A 75 13.13 10.85 -36.97
CA ASP A 75 12.11 10.57 -37.95
C ASP A 75 11.82 11.75 -38.85
N LYS A 76 11.48 11.43 -40.11
CA LYS A 76 11.11 12.46 -41.10
C LYS A 76 9.95 13.30 -40.69
N SER A 77 8.97 12.67 -40.06
CA SER A 77 7.75 13.34 -39.71
C SER A 77 7.95 14.55 -38.79
N VAL A 78 8.95 14.52 -37.92
CA VAL A 78 9.07 15.55 -36.92
C VAL A 78 10.34 16.36 -37.12
N ARG A 79 10.94 16.27 -38.31
CA ARG A 79 12.10 17.10 -38.65
C ARG A 79 11.96 18.59 -38.39
N LYS A 80 10.79 19.16 -38.64
CA LYS A 80 10.61 20.58 -38.44
C LYS A 80 10.70 21.02 -36.97
N TYR A 81 10.46 20.05 -36.03
CA TYR A 81 10.31 20.36 -34.64
C TYR A 81 11.49 19.90 -33.80
N SER A 82 12.61 19.58 -34.42
CA SER A 82 13.73 18.99 -33.65
C SER A 82 14.29 19.87 -32.54
N ARG A 83 14.27 21.18 -32.70
CA ARG A 83 14.75 22.09 -31.64
C ARG A 83 13.82 22.17 -30.41
N GLN A 84 12.55 21.87 -30.61
CA GLN A 84 11.57 21.90 -29.53
C GLN A 84 11.53 20.59 -28.69
N ILE A 85 12.12 19.52 -29.18
CA ILE A 85 12.08 18.22 -28.48
C ILE A 85 13.12 18.26 -27.34
N PRO A 86 12.72 18.08 -26.09
CA PRO A 86 13.71 18.04 -25.00
C PRO A 86 14.76 16.98 -25.17
N ASP A 87 16.03 17.30 -24.88
CA ASP A 87 17.09 16.30 -25.03
C ASP A 87 17.28 15.61 -23.68
N HIS A 88 16.26 14.83 -23.35
CA HIS A 88 16.19 14.07 -22.10
C HIS A 88 15.56 12.72 -22.45
N LYS A 89 16.06 11.70 -21.80
CA LYS A 89 15.45 10.35 -21.88
C LYS A 89 13.96 10.46 -21.52
N GLU A 90 13.13 9.88 -22.36
CA GLU A 90 11.69 9.85 -22.22
C GLU A 90 11.02 11.24 -22.36
N GLY A 91 11.71 12.20 -23.00
CA GLY A 91 11.23 13.52 -23.15
C GLY A 91 10.35 13.59 -24.37
N TYR A 92 9.53 14.63 -24.43
CA TYR A 92 8.70 14.88 -25.60
C TYR A 92 8.31 16.36 -25.71
N TYR A 93 7.83 16.71 -26.90
CA TYR A 93 7.26 17.98 -27.22
C TYR A 93 5.90 17.71 -27.74
N LEU A 94 4.91 18.42 -27.23
CA LEU A 94 3.52 18.30 -27.69
C LEU A 94 3.04 19.70 -28.00
N SER A 95 2.34 19.86 -29.13
CA SER A 95 1.79 21.13 -29.53
C SER A 95 0.45 20.92 -30.18
N VAL A 96 -0.49 21.78 -29.81
CA VAL A 96 -1.80 21.83 -30.42
C VAL A 96 -2.07 23.33 -30.68
N ASN A 97 -2.39 23.64 -31.92
CA ASN A 97 -2.90 24.95 -32.28
C ASN A 97 -3.88 24.80 -33.41
N GLU A 98 -4.47 25.90 -33.87
CA GLU A 98 -5.47 25.79 -34.95
C GLU A 98 -4.88 25.21 -36.24
N LYS A 99 -3.58 25.38 -36.45
CA LYS A 99 -2.97 24.89 -37.67
C LYS A 99 -2.72 23.38 -37.60
N GLU A 100 -2.11 22.91 -36.51
CA GLU A 100 -1.62 21.52 -36.49
C GLU A 100 -1.39 20.96 -35.09
N ILE A 101 -1.18 19.65 -35.06
CA ILE A 101 -0.84 18.90 -33.87
C ILE A 101 0.53 18.24 -34.04
N VAL A 102 1.37 18.38 -33.02
CA VAL A 102 2.70 17.73 -32.97
C VAL A 102 2.88 16.88 -31.71
N LEU A 103 3.33 15.65 -31.90
CA LEU A 103 3.50 14.65 -30.85
C LEU A 103 4.88 14.07 -31.17
N ALA A 104 5.93 14.62 -30.52
CA ALA A 104 7.28 14.32 -30.92
C ALA A 104 8.14 13.90 -29.71
N GLY A 105 8.49 12.63 -29.63
CA GLY A 105 9.40 12.17 -28.55
C GLY A 105 10.84 12.35 -28.83
N ASN A 106 11.65 12.47 -27.79
CA ASN A 106 13.06 12.35 -27.95
C ASN A 106 13.49 10.92 -28.24
N ASP A 107 12.69 9.97 -27.82
CA ASP A 107 12.92 8.56 -28.07
C ASP A 107 11.53 7.88 -28.10
N GLU A 108 11.44 6.59 -28.40
CA GLU A 108 10.13 5.97 -28.60
C GLU A 108 9.23 6.04 -27.38
N ARG A 109 9.81 5.87 -26.21
CA ARG A 109 8.98 5.93 -24.99
C ARG A 109 8.46 7.36 -24.82
N GLY A 110 9.26 8.37 -25.21
CA GLY A 110 8.85 9.75 -25.05
C GLY A 110 7.65 10.03 -25.91
N THR A 111 7.62 9.40 -27.06
CA THR A 111 6.45 9.53 -27.96
C THR A 111 5.19 8.95 -27.33
N TYR A 112 5.35 7.79 -26.73
CA TYR A 112 4.24 7.20 -25.98
C TYR A 112 3.73 8.12 -24.90
N TYR A 113 4.66 8.67 -24.11
CA TYR A 113 4.29 9.61 -23.12
C TYR A 113 3.58 10.88 -23.64
N ALA A 114 4.03 11.42 -24.78
CA ALA A 114 3.31 12.50 -25.41
C ALA A 114 1.83 12.14 -25.65
N LEU A 115 1.57 10.91 -26.03
CA LEU A 115 0.19 10.46 -26.34
C LEU A 115 -0.58 10.28 -25.03
N GLN A 116 0.08 9.93 -23.91
CA GLN A 116 -0.62 9.82 -22.64
C GLN A 116 -1.03 11.18 -22.15
N THR A 117 -0.23 12.20 -22.42
CA THR A 117 -0.60 13.56 -22.06
C THR A 117 -1.74 14.01 -23.00
N PHE A 118 -1.53 13.78 -24.27
CA PHE A 118 -2.57 14.11 -25.29
C PHE A 118 -3.94 13.55 -24.94
N ALA A 119 -3.99 12.30 -24.53
CA ALA A 119 -5.27 11.70 -24.12
C ALA A 119 -5.98 12.44 -22.99
N GLN A 120 -5.23 12.98 -22.04
CA GLN A 120 -5.82 13.74 -20.93
C GLN A 120 -6.26 15.11 -21.40
N LEU A 121 -5.64 15.66 -22.43
CA LEU A 121 -6.02 16.99 -22.92
C LEU A 121 -7.37 17.00 -23.62
N LEU A 122 -7.71 15.88 -24.23
CA LEU A 122 -8.87 15.74 -25.09
C LEU A 122 -10.12 15.54 -24.23
N LYS A 123 -11.04 16.51 -24.28
CA LYS A 123 -12.31 16.49 -23.51
C LYS A 123 -13.50 17.01 -24.35
N ASP A 124 -14.55 16.19 -24.44
CA ASP A 124 -15.72 16.47 -25.31
C ASP A 124 -15.34 16.73 -26.79
N GLY A 125 -14.36 16.00 -27.30
CA GLY A 125 -13.89 16.17 -28.67
C GLY A 125 -13.11 17.45 -28.95
N LYS A 126 -12.64 18.12 -27.88
CA LYS A 126 -11.96 19.39 -27.93
C LYS A 126 -10.60 19.34 -27.19
N LEU A 127 -9.70 20.20 -27.63
CA LEU A 127 -8.33 20.30 -27.11
C LEU A 127 -8.07 21.72 -26.82
N PRO A 128 -7.31 22.01 -25.75
CA PRO A 128 -6.82 23.36 -25.59
C PRO A 128 -5.68 23.64 -26.54
N GLU A 129 -5.47 24.90 -26.86
CA GLU A 129 -4.30 25.31 -27.58
C GLU A 129 -3.17 25.34 -26.55
N VAL A 130 -2.13 24.52 -26.75
CA VAL A 130 -1.13 24.31 -25.71
C VAL A 130 0.20 23.96 -26.35
N GLU A 131 1.28 24.28 -25.63
CA GLU A 131 2.60 23.84 -25.98
C GLU A 131 3.26 23.25 -24.72
N ILE A 132 3.77 22.03 -24.83
CA ILE A 132 4.35 21.31 -23.71
C ILE A 132 5.72 20.78 -24.04
N LYS A 133 6.67 20.94 -23.13
CA LYS A 133 7.95 20.28 -23.20
C LYS A 133 8.12 19.60 -21.88
N ASP A 134 8.35 18.28 -21.94
CA ASP A 134 8.18 17.40 -20.77
C ASP A 134 9.17 16.29 -20.80
N TYR A 135 9.49 15.82 -19.59
CA TYR A 135 10.47 14.77 -19.38
C TYR A 135 10.40 14.45 -17.88
N PRO A 136 10.83 13.24 -17.47
CA PRO A 136 10.82 12.90 -16.07
C PRO A 136 12.05 13.43 -15.30
N SER A 137 11.84 13.83 -14.06
CA SER A 137 12.92 14.24 -13.18
C SER A 137 13.71 13.07 -12.60
N VAL A 138 13.09 11.89 -12.46
CA VAL A 138 13.72 10.71 -11.89
C VAL A 138 13.69 9.66 -12.98
N ARG A 139 14.79 8.97 -13.17
CA ARG A 139 14.97 8.09 -14.36
C ARG A 139 14.07 6.82 -14.37
N TYR A 140 13.93 6.18 -13.22
CA TYR A 140 13.15 4.95 -13.02
C TYR A 140 12.07 5.22 -11.99
N ARG A 141 10.83 4.99 -12.41
CA ARG A 141 9.65 5.31 -11.60
C ARG A 141 8.68 4.14 -11.69
N GLY A 142 8.17 3.70 -10.55
CA GLY A 142 7.26 2.61 -10.58
C GLY A 142 6.94 1.92 -9.29
N VAL A 143 6.71 0.60 -9.40
CA VAL A 143 6.16 -0.18 -8.32
C VAL A 143 7.03 -1.44 -8.12
N VAL A 144 7.32 -1.78 -6.87
CA VAL A 144 7.94 -3.03 -6.53
C VAL A 144 6.87 -3.85 -5.85
N GLU A 145 6.45 -4.96 -6.48
CA GLU A 145 5.51 -5.89 -5.78
C GLU A 145 6.41 -6.74 -4.90
N GLY A 146 6.66 -6.24 -3.70
CA GLY A 146 7.72 -6.75 -2.84
C GLY A 146 7.29 -7.04 -1.43
N PHE A 147 6.00 -7.26 -1.26
CA PHE A 147 5.39 -7.41 0.03
C PHE A 147 5.28 -8.88 0.44
N TYR A 148 4.98 -9.08 1.71
CA TYR A 148 4.58 -10.42 2.26
C TYR A 148 3.08 -10.52 2.17
N GLY A 149 2.58 -11.72 1.90
CA GLY A 149 1.12 -11.97 1.79
C GLY A 149 0.74 -12.52 0.45
N THR A 150 -0.56 -12.57 0.18
CA THR A 150 -1.08 -13.06 -1.09
C THR A 150 -0.56 -12.23 -2.25
N PRO A 151 0.24 -12.82 -3.12
CA PRO A 151 0.70 -12.03 -4.26
C PRO A 151 -0.49 -11.59 -5.16
N TRP A 152 -0.29 -10.49 -5.84
CA TRP A 152 -1.30 -9.99 -6.77
C TRP A 152 -1.70 -11.05 -7.77
N SER A 153 -2.99 -11.10 -8.08
CA SER A 153 -3.44 -12.01 -9.12
C SER A 153 -2.93 -11.61 -10.46
N HIS A 154 -3.01 -12.57 -11.40
CA HIS A 154 -2.61 -12.28 -12.74
C HIS A 154 -3.45 -11.14 -13.32
N GLN A 155 -4.77 -11.18 -13.07
CA GLN A 155 -5.67 -10.13 -13.60
C GLN A 155 -5.33 -8.76 -12.96
N ALA A 156 -5.02 -8.78 -11.68
CA ALA A 156 -4.62 -7.53 -11.00
C ALA A 156 -3.38 -6.98 -11.69
N ARG A 157 -2.34 -7.83 -11.92
CA ARG A 157 -1.13 -7.39 -12.60
C ARG A 157 -1.34 -6.81 -13.98
N LEU A 158 -2.20 -7.43 -14.80
CA LEU A 158 -2.57 -6.89 -16.07
C LEU A 158 -3.10 -5.46 -16.00
N SER A 159 -4.01 -5.27 -15.08
CA SER A 159 -4.56 -3.97 -14.81
C SER A 159 -3.52 -2.95 -14.34
N GLN A 160 -2.59 -3.37 -13.47
CA GLN A 160 -1.56 -2.48 -12.99
C GLN A 160 -0.69 -1.99 -14.13
N LEU A 161 -0.28 -2.88 -15.04
CA LEU A 161 0.61 -2.48 -16.12
C LEU A 161 0.02 -1.44 -17.05
N LYS A 162 -1.26 -1.56 -17.33
CA LYS A 162 -1.96 -0.54 -18.11
C LYS A 162 -1.99 0.82 -17.37
N PHE A 163 -2.28 0.72 -16.08
CA PHE A 163 -2.23 1.92 -15.19
C PHE A 163 -0.87 2.62 -15.21
N TYR A 164 0.22 1.81 -15.14
CA TYR A 164 1.55 2.37 -15.15
C TYR A 164 1.84 3.13 -16.44
N GLY A 165 1.47 2.57 -17.57
CA GLY A 165 1.71 3.28 -18.82
C GLY A 165 0.99 4.61 -18.88
N LYS A 166 -0.23 4.66 -18.38
CA LYS A 166 -1.05 5.87 -18.38
C LYS A 166 -0.46 6.94 -17.52
N ASN A 167 0.27 6.53 -16.49
CA ASN A 167 0.87 7.50 -15.57
C ASN A 167 2.37 7.67 -15.65
N LYS A 168 2.94 7.16 -16.75
CA LYS A 168 4.33 7.33 -17.11
C LYS A 168 5.25 6.66 -16.12
N MET A 169 4.80 5.58 -15.47
CA MET A 169 5.67 4.76 -14.62
C MET A 169 6.32 3.78 -15.55
N ASN A 170 7.64 3.76 -15.57
CA ASN A 170 8.39 2.90 -16.52
C ASN A 170 9.00 1.61 -15.90
N THR A 171 8.63 1.28 -14.65
CA THR A 171 9.25 0.21 -13.88
C THR A 171 8.24 -0.59 -13.07
N TYR A 172 8.27 -1.90 -13.23
CA TYR A 172 7.51 -2.84 -12.40
C TYR A 172 8.47 -3.94 -11.96
N ILE A 173 8.84 -3.95 -10.68
CA ILE A 173 9.75 -4.95 -10.17
C ILE A 173 8.94 -6.08 -9.53
N TYR A 174 9.03 -7.27 -10.11
CA TYR A 174 8.33 -8.44 -9.62
C TYR A 174 9.16 -9.12 -8.53
N GLY A 175 8.66 -9.12 -7.30
CA GLY A 175 9.32 -9.77 -6.15
C GLY A 175 8.39 -10.13 -4.98
N PRO A 176 7.26 -10.76 -5.24
CA PRO A 176 6.36 -11.11 -4.09
C PRO A 176 7.05 -12.14 -3.20
N LYS A 177 7.15 -11.80 -1.92
CA LYS A 177 7.92 -12.61 -0.98
C LYS A 177 7.37 -14.04 -0.88
N ASP A 178 6.07 -14.21 -1.11
CA ASP A 178 5.44 -15.54 -0.99
C ASP A 178 5.46 -16.38 -2.28
N ASP A 179 6.12 -15.91 -3.34
CA ASP A 179 6.27 -16.69 -4.56
C ASP A 179 7.47 -17.63 -4.34
N PRO A 180 7.24 -18.95 -4.26
CA PRO A 180 8.35 -19.83 -4.00
C PRO A 180 9.41 -19.98 -5.13
N TYR A 181 9.09 -19.53 -6.34
CA TYR A 181 10.09 -19.45 -7.45
C TYR A 181 10.84 -18.13 -7.51
N HIS A 182 10.46 -17.16 -6.67
CA HIS A 182 11.16 -15.93 -6.48
C HIS A 182 12.10 -16.06 -5.29
N SER A 183 11.64 -16.66 -4.19
CA SER A 183 12.36 -16.70 -2.91
C SER A 183 12.57 -18.17 -2.47
N ALA A 184 12.77 -18.34 -1.16
CA ALA A 184 12.67 -19.64 -0.47
C ALA A 184 11.43 -20.36 -0.82
N PRO A 185 11.51 -21.66 -1.11
CA PRO A 185 12.72 -22.49 -1.23
C PRO A 185 13.15 -22.74 -2.68
N ASN A 186 12.31 -22.43 -3.69
CA ASN A 186 12.48 -22.91 -5.07
C ASN A 186 13.01 -21.87 -6.07
N TRP A 187 13.77 -20.89 -5.60
CA TRP A 187 14.34 -19.89 -6.52
C TRP A 187 15.23 -20.47 -7.60
N ARG A 188 15.86 -21.62 -7.28
CA ARG A 188 16.71 -22.30 -8.23
C ARG A 188 15.93 -22.96 -9.36
N LEU A 189 14.63 -23.12 -9.20
CA LEU A 189 13.84 -23.86 -10.19
C LEU A 189 13.15 -22.97 -11.18
N PRO A 190 13.07 -23.42 -12.43
CA PRO A 190 12.20 -22.69 -13.38
C PRO A 190 10.74 -22.70 -13.00
N TYR A 191 10.03 -21.62 -13.35
CA TYR A 191 8.58 -21.60 -13.17
C TYR A 191 7.94 -22.78 -13.88
N PRO A 192 6.96 -23.42 -13.26
CA PRO A 192 6.18 -24.38 -14.01
C PRO A 192 5.46 -23.75 -15.18
N ASP A 193 5.01 -24.59 -16.12
CA ASP A 193 4.49 -24.09 -17.39
C ASP A 193 3.37 -23.04 -17.28
N LYS A 194 2.41 -23.28 -16.40
CA LYS A 194 1.26 -22.37 -16.30
C LYS A 194 1.76 -20.97 -15.86
N GLU A 195 2.61 -20.92 -14.83
CA GLU A 195 3.14 -19.67 -14.33
C GLU A 195 4.06 -19.01 -15.33
N ALA A 196 4.85 -19.80 -16.04
CA ALA A 196 5.73 -19.28 -17.06
C ALA A 196 4.96 -18.61 -18.19
N ALA A 197 3.87 -19.19 -18.65
CA ALA A 197 3.06 -18.59 -19.69
C ALA A 197 2.40 -17.24 -19.21
N GLN A 198 1.91 -17.25 -18.00
CA GLN A 198 1.46 -16.00 -17.34
C GLN A 198 2.54 -14.92 -17.33
N LEU A 199 3.73 -15.26 -16.84
CA LEU A 199 4.85 -14.32 -16.85
C LEU A 199 5.22 -13.83 -18.24
N GLN A 200 5.15 -14.71 -19.24
CA GLN A 200 5.37 -14.26 -20.61
C GLN A 200 4.34 -13.24 -21.08
N GLU A 201 3.09 -13.48 -20.74
CA GLU A 201 2.01 -12.53 -21.04
C GLU A 201 2.23 -11.20 -20.28
N LEU A 202 2.63 -11.24 -19.00
CA LEU A 202 2.90 -10.00 -18.24
C LEU A 202 3.99 -9.20 -18.94
N VAL A 203 5.04 -9.86 -19.40
CA VAL A 203 6.12 -9.18 -20.10
C VAL A 203 5.66 -8.53 -21.36
N ALA A 204 4.87 -9.26 -22.15
CA ALA A 204 4.36 -8.68 -23.38
C ALA A 204 3.51 -7.45 -23.11
N VAL A 205 2.65 -7.54 -22.12
CA VAL A 205 1.79 -6.41 -21.79
C VAL A 205 2.59 -5.25 -21.23
N ALA A 206 3.58 -5.53 -20.38
CA ALA A 206 4.49 -4.51 -19.91
C ALA A 206 5.16 -3.77 -21.09
N ASN A 207 5.66 -4.53 -22.07
CA ASN A 207 6.33 -3.95 -23.21
C ASN A 207 5.34 -3.03 -23.98
N GLU A 208 4.10 -3.45 -24.10
CA GLU A 208 3.05 -2.69 -24.83
C GLU A 208 2.67 -1.41 -24.10
N ASN A 209 2.99 -1.32 -22.82
CA ASN A 209 2.69 -0.13 -22.00
C ASN A 209 3.96 0.64 -21.61
N GLU A 210 5.08 0.36 -22.29
CA GLU A 210 6.34 1.00 -22.09
C GLU A 210 6.83 0.87 -20.65
N VAL A 211 6.57 -0.28 -20.04
CA VAL A 211 7.03 -0.56 -18.70
C VAL A 211 8.16 -1.62 -18.80
N ASP A 212 9.28 -1.40 -18.11
CA ASP A 212 10.31 -2.44 -17.92
C ASP A 212 9.82 -3.41 -16.84
N PHE A 213 9.65 -4.66 -17.20
CA PHE A 213 9.33 -5.73 -16.26
C PHE A 213 10.65 -6.19 -15.69
N VAL A 214 10.89 -5.92 -14.42
CA VAL A 214 12.15 -6.28 -13.76
C VAL A 214 11.90 -7.53 -12.92
N TRP A 215 12.47 -8.70 -13.30
CA TRP A 215 12.18 -9.92 -12.52
C TRP A 215 13.28 -9.96 -11.41
N ALA A 216 12.87 -10.01 -10.16
CA ALA A 216 13.80 -10.12 -9.02
C ALA A 216 13.90 -11.55 -8.54
N ILE A 217 15.01 -11.85 -7.85
CA ILE A 217 15.26 -13.13 -7.25
C ILE A 217 15.79 -12.82 -5.83
N HIS A 218 15.39 -13.66 -4.87
CA HIS A 218 15.64 -13.44 -3.46
C HIS A 218 16.23 -14.73 -2.93
N PRO A 219 17.50 -14.98 -3.19
CA PRO A 219 18.11 -16.30 -2.95
C PRO A 219 18.85 -16.40 -1.64
N GLY A 220 18.90 -15.29 -0.88
CA GLY A 220 19.95 -15.12 0.14
C GLY A 220 19.83 -16.00 1.38
N GLN A 221 18.65 -16.49 1.71
CA GLN A 221 18.48 -17.24 2.96
C GLN A 221 19.20 -18.60 2.95
N ASP A 222 19.31 -19.25 1.79
CA ASP A 222 20.06 -20.52 1.70
C ASP A 222 21.04 -20.57 0.54
N ILE A 223 21.41 -19.41 -0.02
CA ILE A 223 22.44 -19.41 -1.06
C ILE A 223 23.79 -19.89 -0.47
N LYS A 224 24.52 -20.61 -1.30
CA LYS A 224 25.88 -21.05 -1.01
C LYS A 224 26.73 -20.24 -1.94
N TRP A 225 27.82 -19.72 -1.42
CA TRP A 225 28.79 -18.98 -2.25
C TRP A 225 29.73 -19.98 -2.94
N ASN A 226 29.15 -20.79 -3.82
CA ASN A 226 29.88 -21.79 -4.61
C ASN A 226 29.43 -21.75 -6.07
N LYS A 227 30.15 -22.49 -6.88
CA LYS A 227 29.89 -22.59 -8.30
C LYS A 227 28.49 -23.07 -8.61
N GLU A 228 28.01 -24.08 -7.89
CA GLU A 228 26.75 -24.69 -8.17
C GLU A 228 25.56 -23.68 -8.13
N ASP A 229 25.50 -22.89 -7.06
CA ASP A 229 24.39 -21.92 -6.85
C ASP A 229 24.56 -20.71 -7.78
N ARG A 230 25.80 -20.25 -7.99
CA ARG A 230 26.08 -19.19 -8.96
CA ARG A 230 26.06 -19.18 -8.96
C ARG A 230 25.51 -19.57 -10.32
N ASP A 231 25.89 -20.77 -10.78
CA ASP A 231 25.37 -21.29 -12.03
C ASP A 231 23.87 -21.47 -12.06
N LEU A 232 23.26 -21.92 -10.97
CA LEU A 232 21.82 -22.11 -10.94
C LEU A 232 21.10 -20.76 -11.02
N LEU A 233 21.63 -19.77 -10.34
CA LEU A 233 21.05 -18.40 -10.45
C LEU A 233 21.11 -17.88 -11.89
N LEU A 234 22.26 -17.99 -12.53
CA LEU A 234 22.37 -17.60 -13.91
C LEU A 234 21.49 -18.41 -14.84
N ALA A 235 21.33 -19.71 -14.62
CA ALA A 235 20.41 -20.49 -15.45
C ALA A 235 18.93 -20.08 -15.28
N LYS A 236 18.57 -19.69 -14.08
CA LYS A 236 17.23 -19.17 -13.80
C LYS A 236 17.04 -17.81 -14.53
N PHE A 237 18.03 -16.95 -14.44
CA PHE A 237 17.95 -15.69 -15.24
C PHE A 237 17.82 -15.96 -16.73
N GLU A 238 18.57 -16.96 -17.24
CA GLU A 238 18.43 -17.31 -18.62
C GLU A 238 17.08 -17.78 -18.95
N LYS A 239 16.44 -18.60 -18.09
CA LYS A 239 15.08 -19.06 -18.39
C LYS A 239 14.14 -17.87 -18.39
N MET A 240 14.33 -16.96 -17.44
CA MET A 240 13.47 -15.76 -17.47
C MET A 240 13.67 -14.89 -18.72
N TYR A 241 14.92 -14.82 -19.18
CA TYR A 241 15.20 -14.10 -20.43
C TYR A 241 14.45 -14.77 -21.59
N GLN A 242 14.40 -16.12 -21.59
CA GLN A 242 13.59 -16.82 -22.65
C GLN A 242 12.11 -16.49 -22.61
N LEU A 243 11.58 -16.09 -21.44
CA LEU A 243 10.21 -15.66 -21.32
C LEU A 243 9.98 -14.17 -21.70
N GLY A 244 11.06 -13.46 -22.06
CA GLY A 244 10.99 -12.12 -22.54
C GLY A 244 11.49 -11.11 -21.51
N VAL A 245 11.94 -11.56 -20.35
CA VAL A 245 12.41 -10.60 -19.31
C VAL A 245 13.72 -9.92 -19.74
N ARG A 246 13.81 -8.58 -19.61
CA ARG A 246 15.03 -7.84 -20.00
C ARG A 246 15.66 -6.95 -18.92
N SER A 247 15.11 -6.98 -17.73
CA SER A 247 15.65 -6.33 -16.54
C SER A 247 15.56 -7.28 -15.38
N PHE A 248 16.53 -7.17 -14.45
CA PHE A 248 16.70 -8.18 -13.45
C PHE A 248 17.17 -7.56 -12.16
N ALA A 249 16.75 -8.19 -11.07
CA ALA A 249 17.19 -7.77 -9.74
C ALA A 249 17.56 -8.92 -8.86
N VAL A 250 18.45 -8.64 -7.88
CA VAL A 250 18.79 -9.62 -6.90
C VAL A 250 18.59 -8.95 -5.54
N PHE A 251 17.70 -9.51 -4.72
CA PHE A 251 17.37 -8.92 -3.45
C PHE A 251 18.02 -9.73 -2.31
N PHE A 252 18.64 -9.04 -1.35
CA PHE A 252 19.18 -9.66 -0.14
C PHE A 252 18.57 -9.09 1.16
N ASP A 253 17.31 -8.69 1.10
CA ASP A 253 16.61 -8.08 2.26
C ASP A 253 15.98 -9.12 3.13
N ASP A 254 16.00 -8.85 4.44
CA ASP A 254 15.26 -9.63 5.45
C ASP A 254 15.75 -11.08 5.52
N ILE A 255 17.07 -11.26 5.47
CA ILE A 255 17.68 -12.57 5.54
C ILE A 255 18.77 -12.50 6.60
N SER A 256 19.22 -13.69 7.00
CA SER A 256 20.34 -13.84 7.94
C SER A 256 21.29 -14.90 7.41
N GLY A 257 22.52 -14.89 7.95
CA GLY A 257 23.50 -15.88 7.64
C GLY A 257 24.48 -15.47 6.58
N GLU A 258 25.07 -16.47 5.92
CA GLU A 258 26.11 -16.26 4.93
C GLU A 258 25.70 -15.38 3.71
N GLY A 259 24.44 -15.45 3.32
CA GLY A 259 23.93 -14.61 2.24
C GLY A 259 24.03 -13.09 2.46
N THR A 260 24.28 -12.67 3.70
CA THR A 260 24.45 -11.27 4.05
C THR A 260 25.82 -10.70 3.74
N ASN A 261 26.77 -11.53 3.31
CA ASN A 261 28.14 -11.07 3.07
C ASN A 261 28.21 -10.08 1.89
N PRO A 262 28.65 -8.83 2.13
CA PRO A 262 28.63 -7.81 1.07
C PRO A 262 29.65 -8.04 -0.03
N GLN A 263 30.83 -8.55 0.31
CA GLN A 263 31.79 -8.77 -0.74
C GLN A 263 31.28 -9.83 -1.71
N LYS A 264 30.64 -10.87 -1.21
CA LYS A 264 30.14 -11.95 -2.02
C LYS A 264 28.91 -11.46 -2.83
N GLN A 265 28.08 -10.64 -2.22
CA GLN A 265 26.93 -10.06 -2.93
C GLN A 265 27.43 -9.26 -4.12
N ALA A 266 28.37 -8.34 -3.90
CA ALA A 266 28.95 -7.54 -4.94
C ALA A 266 29.58 -8.35 -6.03
N GLU A 267 30.28 -9.42 -5.65
CA GLU A 267 30.93 -10.27 -6.67
C GLU A 267 29.90 -11.00 -7.52
N LEU A 268 28.84 -11.51 -6.91
CA LEU A 268 27.76 -12.13 -7.66
C LEU A 268 27.11 -11.15 -8.65
N LEU A 269 26.72 -9.96 -8.19
CA LEU A 269 26.12 -8.97 -9.07
C LEU A 269 27.05 -8.58 -10.23
N ASN A 270 28.32 -8.40 -9.90
CA ASN A 270 29.33 -8.15 -10.95
C ASN A 270 29.50 -9.30 -11.95
N TYR A 271 29.38 -10.52 -11.49
CA TYR A 271 29.46 -11.67 -12.34
C TYR A 271 28.22 -11.71 -13.25
N ILE A 272 27.05 -11.41 -12.68
CA ILE A 272 25.83 -11.33 -13.49
C ILE A 272 25.99 -10.27 -14.58
N ASP A 273 26.50 -9.12 -14.19
CA ASP A 273 26.76 -8.04 -15.13
C ASP A 273 27.68 -8.53 -16.25
N GLU A 274 28.82 -9.06 -15.85
CA GLU A 274 29.87 -9.42 -16.82
C GLU A 274 29.46 -10.58 -17.73
N LYS A 275 28.82 -11.60 -17.18
CA LYS A 275 28.53 -12.79 -17.95
C LYS A 275 27.16 -12.82 -18.58
N PHE A 276 26.27 -11.87 -18.23
CA PHE A 276 24.88 -11.91 -18.70
C PHE A 276 24.42 -10.55 -19.20
N ALA A 277 24.39 -9.55 -18.35
CA ALA A 277 23.92 -8.23 -18.72
C ALA A 277 24.82 -7.60 -19.79
N GLN A 278 26.09 -7.99 -19.86
CA GLN A 278 27.01 -7.44 -20.90
C GLN A 278 27.09 -8.28 -22.17
N VAL A 279 26.48 -9.45 -22.14
CA VAL A 279 26.56 -10.41 -23.20
C VAL A 279 25.27 -10.42 -24.01
N LYS A 280 24.14 -10.10 -23.39
CA LYS A 280 22.91 -9.95 -24.15
C LYS A 280 22.87 -8.62 -24.85
N PRO A 281 22.07 -8.50 -25.93
CA PRO A 281 22.08 -7.22 -26.63
C PRO A 281 21.21 -6.14 -26.02
N ASP A 282 20.34 -6.52 -25.05
CA ASP A 282 19.15 -5.71 -24.78
C ASP A 282 18.68 -5.80 -23.31
N ILE A 283 19.63 -5.98 -22.37
CA ILE A 283 19.27 -5.95 -20.96
C ILE A 283 19.26 -4.47 -20.52
N ASN A 284 18.25 -4.08 -19.76
CA ASN A 284 18.07 -2.67 -19.35
C ASN A 284 18.50 -2.40 -17.90
N GLN A 285 17.67 -2.74 -16.90
CA GLN A 285 18.06 -2.50 -15.52
C GLN A 285 18.69 -3.71 -14.87
N LEU A 286 19.71 -3.45 -14.02
CA LEU A 286 20.25 -4.46 -13.16
C LEU A 286 20.35 -3.83 -11.79
N VAL A 287 19.63 -4.39 -10.82
CA VAL A 287 19.35 -3.74 -9.55
C VAL A 287 19.59 -4.73 -8.41
N MET A 288 20.13 -4.25 -7.31
CA MET A 288 20.22 -5.07 -6.09
C MET A 288 19.60 -4.41 -4.88
N CYS A 289 18.92 -5.18 -4.05
CA CYS A 289 18.46 -4.71 -2.76
C CYS A 289 19.45 -5.22 -1.67
N PRO A 290 20.07 -4.30 -0.92
CA PRO A 290 21.05 -4.73 0.09
C PRO A 290 20.39 -5.36 1.32
N THR A 291 21.20 -6.01 2.15
CA THR A 291 20.76 -6.52 3.43
C THR A 291 20.56 -5.39 4.41
N GLU A 292 21.51 -4.46 4.42
CA GLU A 292 21.38 -3.24 5.22
C GLU A 292 20.76 -2.22 4.29
N TYR A 293 19.42 -2.17 4.28
CA TYR A 293 18.69 -1.38 3.32
C TYR A 293 18.02 -0.14 3.90
N ASN A 294 18.28 0.16 5.17
CA ASN A 294 17.90 1.39 5.73
C ASN A 294 18.93 1.76 6.85
N LYS A 295 18.93 3.01 7.24
CA LYS A 295 20.00 3.55 8.12
C LYS A 295 19.97 2.85 9.47
N SER A 296 18.78 2.69 10.01
CA SER A 296 18.60 2.02 11.29
CA SER A 296 18.59 2.00 11.30
C SER A 296 19.08 0.56 11.30
N TRP A 297 19.15 -0.08 10.14
CA TRP A 297 19.64 -1.45 10.07
C TRP A 297 21.12 -1.52 9.62
N SER A 298 21.76 -0.36 9.53
CA SER A 298 23.10 -0.31 9.03
C SER A 298 24.01 -0.43 10.26
N ASN A 299 25.00 -1.30 10.19
CA ASN A 299 25.99 -1.44 11.28
C ASN A 299 26.79 -0.12 11.39
N PRO A 300 26.69 0.57 12.55
CA PRO A 300 27.41 1.85 12.79
C PRO A 300 28.91 1.80 12.56
N ASN A 301 29.52 0.72 13.05
CA ASN A 301 30.96 0.50 12.97
C ASN A 301 31.12 -0.81 12.22
N GLY A 302 30.76 -0.71 10.95
CA GLY A 302 30.83 -1.82 10.02
C GLY A 302 30.81 -1.13 8.68
N ASN A 303 31.27 -1.87 7.68
CA ASN A 303 31.59 -1.31 6.38
C ASN A 303 30.78 -2.03 5.28
N TYR A 304 29.61 -2.51 5.65
CA TYR A 304 28.78 -3.24 4.72
C TYR A 304 28.50 -2.35 3.49
N LEU A 305 28.04 -1.13 3.74
CA LEU A 305 27.57 -0.26 2.68
C LEU A 305 28.72 0.30 1.90
N THR A 306 29.85 0.60 2.57
CA THR A 306 31.02 1.07 1.85
C THR A 306 31.60 -0.06 1.00
N THR A 307 31.50 -1.31 1.43
CA THR A 307 32.00 -2.43 0.62
C THR A 307 31.16 -2.55 -0.69
N LEU A 308 29.82 -2.52 -0.57
CA LEU A 308 28.98 -2.54 -1.77
C LEU A 308 29.33 -1.37 -2.64
N GLY A 309 29.42 -0.19 -2.04
CA GLY A 309 29.63 1.04 -2.77
C GLY A 309 30.88 1.06 -3.64
N ASP A 310 31.96 0.55 -3.08
CA ASP A 310 33.25 0.52 -3.74
C ASP A 310 33.34 -0.66 -4.70
N LYS A 311 32.75 -1.80 -4.36
CA LYS A 311 32.98 -3.02 -5.20
C LYS A 311 31.96 -3.24 -6.30
N LEU A 312 30.72 -2.84 -6.06
CA LEU A 312 29.65 -3.05 -7.07
C LEU A 312 29.88 -2.22 -8.34
N ASN A 313 29.87 -2.85 -9.51
CA ASN A 313 30.00 -2.13 -10.77
C ASN A 313 29.05 -0.91 -10.79
N PRO A 314 29.52 0.20 -11.36
CA PRO A 314 28.81 1.46 -11.20
C PRO A 314 27.46 1.52 -11.97
N SER A 315 27.25 0.68 -12.95
CA SER A 315 26.00 0.62 -13.65
C SER A 315 24.90 -0.09 -12.82
N ILE A 316 25.27 -0.75 -11.73
CA ILE A 316 24.32 -1.56 -10.94
C ILE A 316 23.67 -0.65 -9.90
N GLN A 317 22.34 -0.71 -9.82
CA GLN A 317 21.61 0.12 -8.88
C GLN A 317 21.57 -0.57 -7.52
N ILE A 318 21.50 0.28 -6.50
CA ILE A 318 21.35 -0.15 -5.11
C ILE A 318 20.14 0.48 -4.46
N MET A 319 19.26 -0.37 -3.93
CA MET A 319 17.99 0.08 -3.34
C MET A 319 18.12 0.46 -1.86
N TRP A 320 17.17 1.27 -1.40
CA TRP A 320 17.21 1.89 -0.10
C TRP A 320 15.84 2.36 0.31
N THR A 321 15.46 2.02 1.54
CA THR A 321 14.14 2.35 2.10
C THR A 321 14.10 3.60 2.97
N GLY A 322 15.25 4.23 3.20
CA GLY A 322 15.33 5.49 3.95
C GLY A 322 16.02 5.30 5.30
N ASP A 323 15.66 6.10 6.30
CA ASP A 323 16.34 6.06 7.60
C ASP A 323 15.85 4.91 8.45
N ARG A 324 14.68 4.36 8.10
CA ARG A 324 14.09 3.21 8.77
C ARG A 324 13.46 2.27 7.73
N VAL A 325 13.01 1.10 8.17
CA VAL A 325 12.36 0.12 7.32
C VAL A 325 11.20 0.83 6.59
N ILE A 326 10.35 1.52 7.38
CA ILE A 326 9.25 2.33 6.83
C ILE A 326 9.61 3.80 7.10
N SER A 327 9.95 4.54 6.05
CA SER A 327 10.47 5.90 6.19
C SER A 327 10.10 6.74 5.01
N ASP A 328 10.00 8.05 5.21
CA ASP A 328 9.91 8.98 4.16
C ASP A 328 11.29 9.48 3.81
N ILE A 329 11.51 9.84 2.55
CA ILE A 329 12.88 10.13 2.05
C ILE A 329 13.21 11.64 2.27
N THR A 330 14.29 11.94 3.00
CA THR A 330 14.68 13.35 3.24
C THR A 330 15.98 13.68 2.52
N ARG A 331 16.34 14.96 2.46
CA ARG A 331 17.57 15.37 1.84
C ARG A 331 18.75 14.84 2.65
N ASP A 332 18.69 14.95 3.97
CA ASP A 332 19.81 14.46 4.81
C ASP A 332 19.97 12.94 4.74
N GLY A 333 18.84 12.23 4.70
CA GLY A 333 18.84 10.78 4.61
C GLY A 333 19.40 10.27 3.30
N ILE A 334 19.04 10.92 2.20
CA ILE A 334 19.54 10.43 0.93
C ILE A 334 21.01 10.83 0.73
N SER A 335 21.40 11.98 1.27
CA SER A 335 22.81 12.36 1.23
CA SER A 335 22.82 12.38 1.29
C SER A 335 23.67 11.33 1.99
N TRP A 336 23.18 10.88 3.16
CA TRP A 336 23.81 9.90 4.01
C TRP A 336 24.08 8.59 3.25
N ILE A 337 23.06 8.06 2.53
CA ILE A 337 23.29 6.82 1.81
C ILE A 337 24.19 7.04 0.60
N ASN A 338 23.94 8.09 -0.18
CA ASN A 338 24.66 8.35 -1.40
C ASN A 338 26.18 8.46 -1.18
N GLU A 339 26.57 9.06 -0.08
CA GLU A 339 28.01 9.13 0.30
C GLU A 339 28.66 7.80 0.38
N ARG A 340 27.95 6.82 0.97
CA ARG A 340 28.48 5.50 1.22
C ARG A 340 28.40 4.50 0.04
N ILE A 341 27.32 4.55 -0.74
CA ILE A 341 27.20 3.65 -1.91
C ILE A 341 27.79 4.22 -3.21
N LYS A 342 28.20 5.49 -3.19
CA LYS A 342 28.93 6.13 -4.27
C LYS A 342 28.11 6.23 -5.55
N ARG A 343 26.79 6.37 -5.37
CA ARG A 343 25.90 6.55 -6.53
C ARG A 343 24.57 7.02 -5.95
N PRO A 344 23.63 7.51 -6.78
CA PRO A 344 22.35 7.93 -6.23
C PRO A 344 21.49 6.71 -5.89
N ALA A 345 20.94 6.70 -4.70
CA ALA A 345 20.14 5.53 -4.23
C ALA A 345 18.92 5.30 -5.16
N TYR A 346 18.50 4.05 -5.29
CA TYR A 346 17.23 3.70 -6.02
C TYR A 346 16.20 3.44 -4.95
N ILE A 347 15.32 4.39 -4.73
CA ILE A 347 14.46 4.33 -3.54
C ILE A 347 13.40 3.23 -3.63
N TRP A 348 13.34 2.42 -2.59
CA TRP A 348 12.26 1.47 -2.32
C TRP A 348 11.39 2.09 -1.18
N TRP A 349 10.27 2.70 -1.54
CA TRP A 349 9.46 3.43 -0.57
C TRP A 349 8.40 2.49 -0.02
N ASN A 350 8.48 2.19 1.26
CA ASN A 350 7.52 1.26 1.90
C ASN A 350 6.20 1.86 2.35
N PHE A 351 5.43 2.34 1.35
CA PHE A 351 4.11 2.81 1.49
C PHE A 351 3.45 2.69 0.10
N PRO A 352 2.22 2.23 -0.02
CA PRO A 352 1.24 1.88 1.07
C PRO A 352 1.26 0.44 1.58
N VAL A 353 2.37 -0.30 1.38
CA VAL A 353 2.47 -1.66 1.91
C VAL A 353 1.91 -1.75 3.34
N SER A 354 1.07 -2.73 3.55
CA SER A 354 0.28 -2.92 4.79
C SER A 354 0.47 -4.28 5.36
N ASP A 355 1.54 -4.94 4.91
CA ASP A 355 1.78 -6.35 5.24
C ASP A 355 2.15 -6.65 6.70
N TYR A 356 2.37 -5.59 7.47
CA TYR A 356 2.62 -5.66 8.90
C TYR A 356 1.45 -5.02 9.70
N VAL A 357 0.44 -4.48 9.01
CA VAL A 357 -0.77 -3.95 9.64
C VAL A 357 -1.93 -4.39 8.73
N ARG A 358 -2.04 -5.70 8.56
CA ARG A 358 -2.94 -6.27 7.54
C ARG A 358 -4.43 -6.08 7.81
N ASP A 359 -4.77 -5.60 9.00
CA ASP A 359 -6.15 -5.28 9.36
C ASP A 359 -6.56 -3.86 8.98
N HIS A 360 -5.65 -3.09 8.39
CA HIS A 360 -5.88 -1.68 7.97
C HIS A 360 -5.72 -1.55 6.45
N LEU A 361 -6.58 -0.75 5.85
CA LEU A 361 -6.32 -0.24 4.52
C LEU A 361 -5.64 1.10 4.61
N LEU A 362 -4.70 1.38 3.72
CA LEU A 362 -3.98 2.66 3.72
C LEU A 362 -4.26 3.40 2.44
N LEU A 363 -5.32 4.22 2.49
CA LEU A 363 -5.89 4.84 1.33
C LEU A 363 -5.63 6.35 1.30
N GLY A 364 -4.73 6.85 2.16
CA GLY A 364 -4.48 8.29 2.24
C GLY A 364 -3.51 8.81 1.23
N PRO A 365 -3.28 10.12 1.25
CA PRO A 365 -2.33 10.72 0.33
C PRO A 365 -0.88 10.31 0.55
N VAL A 366 -0.09 10.50 -0.49
CA VAL A 366 1.34 10.25 -0.52
C VAL A 366 1.99 11.56 -0.15
N TYR A 367 2.79 11.53 0.92
CA TYR A 367 3.43 12.77 1.37
C TYR A 367 4.61 12.41 2.24
N GLY A 368 5.45 13.41 2.48
CA GLY A 368 6.56 13.25 3.40
C GLY A 368 7.90 13.17 2.68
N ASN A 369 7.91 12.98 1.36
CA ASN A 369 9.16 12.84 0.63
C ASN A 369 9.59 14.16 0.09
N ASP A 370 10.87 14.47 0.28
CA ASP A 370 11.44 15.78 -0.18
C ASP A 370 11.24 15.93 -1.68
N THR A 371 10.75 17.10 -2.07
CA THR A 371 10.37 17.37 -3.45
C THR A 371 11.51 18.01 -4.23
N THR A 372 12.71 18.15 -3.63
CA THR A 372 13.86 18.85 -4.31
C THR A 372 15.07 17.93 -4.58
N ILE A 373 14.93 16.64 -4.29
CA ILE A 373 16.05 15.69 -4.35
C ILE A 373 16.04 14.75 -5.56
N ALA A 374 15.37 15.14 -6.64
CA ALA A 374 15.36 14.28 -7.82
C ALA A 374 16.75 13.86 -8.31
N LYS A 375 17.71 14.81 -8.26
CA LYS A 375 19.04 14.51 -8.77
C LYS A 375 19.78 13.53 -7.89
N GLU A 376 19.33 13.33 -6.66
CA GLU A 376 19.93 12.43 -5.69
C GLU A 376 19.36 11.00 -5.71
N MET A 377 18.38 10.71 -6.59
CA MET A 377 17.84 9.37 -6.68
CA MET A 377 17.73 9.40 -6.70
C MET A 377 17.87 8.85 -8.11
N SER A 378 18.35 7.63 -8.24
CA SER A 378 18.35 6.90 -9.50
C SER A 378 16.94 6.43 -9.91
N GLY A 379 16.14 6.11 -8.89
CA GLY A 379 14.84 5.51 -9.09
C GLY A 379 14.00 5.72 -7.85
N PHE A 380 12.71 5.59 -8.03
CA PHE A 380 11.77 5.64 -6.90
C PHE A 380 10.65 4.67 -7.23
N VAL A 381 10.54 3.61 -6.43
CA VAL A 381 9.43 2.65 -6.56
C VAL A 381 8.70 2.53 -5.23
N THR A 382 7.41 2.32 -5.33
CA THR A 382 6.51 2.11 -4.20
C THR A 382 6.22 0.61 -3.99
N ASN A 383 6.34 0.15 -2.74
CA ASN A 383 5.89 -1.19 -2.30
C ASN A 383 4.42 -1.05 -1.86
N PRO A 384 3.46 -1.69 -2.61
CA PRO A 384 2.04 -1.47 -2.38
C PRO A 384 1.39 -2.46 -1.40
N MET A 385 0.09 -2.33 -1.18
CA MET A 385 -0.65 -3.30 -0.41
C MET A 385 -0.85 -4.55 -1.28
N GLU A 386 -1.22 -5.64 -0.63
CA GLU A 386 -1.69 -6.79 -1.35
C GLU A 386 -3.00 -6.52 -2.07
N HIS A 387 -3.72 -5.49 -1.67
CA HIS A 387 -4.92 -5.02 -2.41
C HIS A 387 -4.49 -4.15 -3.59
N ALA A 388 -4.47 -4.72 -4.79
CA ALA A 388 -3.84 -4.07 -5.95
C ALA A 388 -4.61 -2.79 -6.39
N GLU A 389 -5.94 -2.89 -6.58
CA GLU A 389 -6.71 -1.74 -7.01
C GLU A 389 -6.66 -0.63 -5.98
N SER A 390 -6.87 -0.99 -4.72
CA SER A 390 -6.77 0.02 -3.61
C SER A 390 -5.45 0.81 -3.59
N SER A 391 -4.35 0.16 -3.98
CA SER A 391 -3.01 0.75 -4.03
C SER A 391 -2.87 1.74 -5.15
N LYS A 392 -3.83 1.79 -6.10
CA LYS A 392 -3.71 2.71 -7.18
C LYS A 392 -3.75 4.19 -6.75
N ILE A 393 -4.36 4.46 -5.62
CA ILE A 393 -4.37 5.82 -5.06
C ILE A 393 -2.97 6.33 -4.81
N ALA A 394 -2.22 5.52 -4.06
CA ALA A 394 -0.83 5.83 -3.83
C ALA A 394 0.06 5.72 -5.05
N ILE A 395 -0.19 4.70 -5.89
CA ILE A 395 0.63 4.54 -7.11
C ILE A 395 0.54 5.73 -8.04
N TYR A 396 -0.69 6.19 -8.32
CA TYR A 396 -0.91 7.37 -9.10
C TYR A 396 -0.15 8.60 -8.54
N SER A 397 -0.19 8.71 -7.24
CA SER A 397 0.49 9.81 -6.50
C SER A 397 2.01 9.73 -6.62
N VAL A 398 2.56 8.52 -6.46
CA VAL A 398 3.99 8.31 -6.60
C VAL A 398 4.40 8.56 -8.04
N ALA A 399 3.56 8.21 -9.03
CA ALA A 399 3.92 8.45 -10.39
C ALA A 399 4.07 9.95 -10.63
N SER A 400 3.14 10.70 -10.05
CA SER A 400 3.10 12.16 -10.20
C SER A 400 4.36 12.74 -9.52
N TYR A 401 4.60 12.28 -8.30
CA TYR A 401 5.76 12.77 -7.57
C TYR A 401 7.08 12.53 -8.31
N ALA A 402 7.30 11.29 -8.74
CA ALA A 402 8.58 10.92 -9.29
C ALA A 402 8.83 11.56 -10.63
N TRP A 403 7.76 11.83 -11.44
CA TRP A 403 7.94 12.46 -12.69
C TRP A 403 8.27 13.97 -12.55
N ASN A 404 7.49 14.66 -11.73
CA ASN A 404 7.69 16.10 -11.48
C ASN A 404 7.62 16.44 -10.00
N PRO A 405 8.67 16.12 -9.25
CA PRO A 405 8.62 16.34 -7.81
C PRO A 405 8.52 17.80 -7.43
N ALA A 406 9.13 18.68 -8.22
CA ALA A 406 9.04 20.14 -7.94
C ALA A 406 7.62 20.71 -7.94
N LYS A 407 6.73 20.17 -8.80
CA LYS A 407 5.36 20.54 -8.81
C LYS A 407 4.40 19.60 -8.04
N TYR A 408 4.92 18.70 -7.26
CA TYR A 408 4.09 17.70 -6.58
C TYR A 408 3.18 18.33 -5.54
N ASP A 409 1.87 18.17 -5.77
CA ASP A 409 0.78 18.63 -4.91
C ASP A 409 0.07 17.39 -4.36
N THR A 410 0.42 17.01 -3.13
CA THR A 410 -0.10 15.83 -2.44
CA THR A 410 -0.08 15.80 -2.53
C THR A 410 -1.60 15.74 -2.46
N TRP A 411 -2.25 16.85 -2.05
CA TRP A 411 -3.71 16.80 -1.85
CA TRP A 411 -3.69 16.86 -1.84
C TRP A 411 -4.45 16.76 -3.16
N GLN A 412 -4.05 17.58 -4.12
CA GLN A 412 -4.74 17.59 -5.41
C GLN A 412 -4.50 16.26 -6.13
N THR A 413 -3.31 15.67 -5.96
CA THR A 413 -2.99 14.39 -6.62
C THR A 413 -3.82 13.25 -6.04
N TRP A 414 -4.01 13.29 -4.75
CA TRP A 414 -4.88 12.28 -4.07
C TRP A 414 -6.31 12.31 -4.63
N LYS A 415 -6.88 13.49 -4.69
CA LYS A 415 -8.19 13.68 -5.28
C LYS A 415 -8.29 13.27 -6.74
N ASP A 416 -7.29 13.63 -7.55
CA ASP A 416 -7.21 13.26 -8.94
C ASP A 416 -7.18 11.73 -9.07
N ALA A 417 -6.40 11.07 -8.22
CA ALA A 417 -6.28 9.61 -8.26
C ALA A 417 -7.63 8.95 -8.01
N ILE A 418 -8.31 9.42 -6.99
CA ILE A 418 -9.61 8.88 -6.61
C ILE A 418 -10.63 9.08 -7.76
N ARG A 419 -10.63 10.27 -8.35
CA ARG A 419 -11.51 10.58 -9.50
C ARG A 419 -11.18 9.72 -10.72
N THR A 420 -9.91 9.34 -10.87
CA THR A 420 -9.47 8.49 -11.96
C THR A 420 -9.86 7.05 -11.76
N ILE A 421 -9.68 6.59 -10.56
CA ILE A 421 -9.95 5.23 -10.25
C ILE A 421 -11.43 4.89 -10.16
N LEU A 422 -12.24 5.79 -9.62
CA LEU A 422 -13.68 5.50 -9.46
C LEU A 422 -14.50 6.73 -9.82
N PRO A 423 -14.49 7.14 -11.10
CA PRO A 423 -15.21 8.36 -11.50
C PRO A 423 -16.70 8.38 -11.07
N SER A 424 -17.33 7.22 -11.14
CA SER A 424 -18.78 7.13 -10.86
C SER A 424 -19.15 7.31 -9.39
N ALA A 425 -18.20 7.17 -8.47
CA ALA A 425 -18.48 7.36 -7.08
C ALA A 425 -17.27 7.95 -6.33
N ALA A 426 -16.63 8.96 -6.94
CA ALA A 426 -15.39 9.52 -6.42
C ALA A 426 -15.54 10.16 -5.07
N GLU A 427 -16.63 10.90 -4.86
CA GLU A 427 -16.89 11.55 -3.57
C GLU A 427 -17.11 10.52 -2.43
N GLU A 428 -17.73 9.41 -2.80
CA GLU A 428 -17.95 8.30 -1.84
C GLU A 428 -16.63 7.59 -1.50
N LEU A 429 -15.77 7.40 -2.51
CA LEU A 429 -14.48 6.78 -2.26
C LEU A 429 -13.62 7.70 -1.41
N GLU A 430 -13.62 9.01 -1.72
CA GLU A 430 -12.91 9.98 -0.90
C GLU A 430 -13.39 9.99 0.55
N SER A 431 -14.70 9.96 0.73
CA SER A 431 -15.31 9.86 2.07
CA SER A 431 -15.30 9.87 2.06
C SER A 431 -14.79 8.66 2.82
N PHE A 432 -14.74 7.53 2.17
CA PHE A 432 -14.17 6.30 2.77
C PHE A 432 -12.66 6.40 3.02
N ALA A 433 -11.91 6.92 2.03
CA ALA A 433 -10.48 6.96 2.16
C ALA A 433 -10.01 7.91 3.24
N MET A 434 -10.73 9.03 3.43
CA MET A 434 -10.41 10.05 4.46
CA MET A 434 -10.45 10.06 4.50
C MET A 434 -10.28 9.46 5.87
N HIS A 435 -11.04 8.40 6.14
CA HIS A 435 -11.08 7.72 7.43
C HIS A 435 -10.48 6.31 7.42
N ASN A 436 -9.66 6.02 6.39
CA ASN A 436 -8.94 4.74 6.24
C ASN A 436 -7.58 5.06 5.71
N SER A 437 -6.74 5.68 6.56
CA SER A 437 -5.43 6.14 6.10
C SER A 437 -4.35 5.93 7.14
N ASP A 438 -4.70 5.86 8.43
CA ASP A 438 -3.65 5.60 9.48
C ASP A 438 -3.40 4.10 9.61
N LEU A 439 -2.22 3.74 10.09
CA LEU A 439 -1.80 2.37 10.28
C LEU A 439 -2.16 1.80 11.65
N GLY A 440 -2.53 2.66 12.57
CA GLY A 440 -2.56 2.25 13.96
C GLY A 440 -1.17 1.99 14.53
N PRO A 441 -1.09 1.72 15.84
CA PRO A 441 0.22 1.48 16.46
C PRO A 441 0.92 0.27 15.86
N ASN A 442 2.22 0.36 15.66
CA ASN A 442 2.99 -0.72 15.06
C ASN A 442 4.45 -0.60 15.44
N GLY A 443 5.15 -1.71 15.22
CA GLY A 443 6.58 -1.87 15.53
C GLY A 443 7.51 -1.01 14.69
N HIS A 444 7.03 -0.52 13.55
CA HIS A 444 7.85 0.39 12.73
C HIS A 444 7.72 1.84 13.10
N GLY A 445 6.77 2.17 14.00
CA GLY A 445 6.53 3.54 14.41
C GLY A 445 5.89 4.46 13.37
N TYR A 446 5.32 3.92 12.29
CA TYR A 446 4.97 4.77 11.15
C TYR A 446 3.49 5.00 11.13
N ARG A 447 3.11 6.26 11.06
CA ARG A 447 1.73 6.69 11.11
C ARG A 447 1.44 7.65 10.01
N ARG A 448 0.16 7.76 9.66
CA ARG A 448 -0.31 8.75 8.74
C ARG A 448 -1.47 9.50 9.34
N GLU A 449 -1.71 10.70 8.84
CA GLU A 449 -2.86 11.46 9.31
CA GLU A 449 -2.88 11.52 9.18
C GLU A 449 -4.16 10.79 8.81
N GLU A 450 -5.24 11.01 9.56
CA GLU A 450 -6.58 10.50 9.25
C GLU A 450 -7.64 11.35 9.92
N SER A 451 -8.77 11.55 9.25
CA SER A 451 -9.93 12.25 9.81
C SER A 451 -9.59 13.64 10.34
N MET A 452 -8.68 14.35 9.65
CA MET A 452 -8.19 15.61 10.20
C MET A 452 -9.22 16.68 10.27
N ASP A 453 -10.12 16.67 9.29
CA ASP A 453 -11.11 17.70 9.16
C ASP A 453 -12.14 17.71 10.32
N ILE A 454 -12.60 16.53 10.71
CA ILE A 454 -13.52 16.46 11.82
C ILE A 454 -12.89 16.45 13.19
N GLN A 455 -11.57 16.30 13.26
CA GLN A 455 -10.91 16.17 14.56
C GLN A 455 -11.16 17.34 15.56
N PRO A 456 -11.15 18.58 15.06
CA PRO A 456 -11.44 19.73 15.96
C PRO A 456 -12.81 19.66 16.58
N ALA A 457 -13.84 19.46 15.76
CA ALA A 457 -15.19 19.32 16.25
C ALA A 457 -15.34 18.15 17.21
N ALA A 458 -14.69 17.03 16.89
CA ALA A 458 -14.67 15.85 17.75
C ALA A 458 -14.07 16.16 19.12
N GLU A 459 -12.89 16.74 19.11
CA GLU A 459 -12.21 17.05 20.41
C GLU A 459 -12.91 18.14 21.24
N ARG A 460 -13.47 19.17 20.62
CA ARG A 460 -14.25 20.20 21.34
C ARG A 460 -15.48 19.57 22.01
N PHE A 461 -16.22 18.79 21.21
CA PHE A 461 -17.41 18.09 21.70
C PHE A 461 -17.09 17.24 22.91
N LEU A 462 -16.00 16.49 22.84
CA LEU A 462 -15.73 15.50 23.86
C LEU A 462 -15.26 16.09 25.21
N LYS A 463 -14.51 17.18 25.17
CA LYS A 463 -14.17 17.93 26.40
C LYS A 463 -15.42 18.51 27.01
N ALA A 464 -16.16 19.32 26.26
CA ALA A 464 -17.41 19.87 26.76
C ALA A 464 -18.29 18.80 27.43
N PHE A 465 -18.38 17.63 26.78
CA PHE A 465 -19.28 16.57 27.23
C PHE A 465 -18.80 15.97 28.52
N LYS A 466 -17.52 15.63 28.56
CA LYS A 466 -16.95 15.06 29.76
C LYS A 466 -17.14 15.97 30.97
N GLU A 467 -16.84 17.25 30.82
CA GLU A 467 -16.92 18.24 31.91
C GLU A 467 -18.39 18.61 32.10
N GLY A 468 -18.69 19.75 32.71
CA GLY A 468 -20.08 20.12 32.91
C GLY A 468 -20.49 21.22 31.97
N LYS A 469 -20.49 20.95 30.65
CA LYS A 469 -20.65 22.02 29.64
C LYS A 469 -21.59 21.70 28.48
N ASN A 470 -22.32 22.71 28.02
CA ASN A 470 -23.09 22.55 26.78
C ASN A 470 -22.07 22.44 25.65
N TYR A 471 -22.22 21.41 24.80
CA TYR A 471 -21.38 21.25 23.60
C TYR A 471 -21.99 22.21 22.60
N ASP A 472 -21.25 22.59 21.57
CA ASP A 472 -21.77 23.43 20.50
C ASP A 472 -22.72 22.62 19.58
N LYS A 473 -23.93 23.12 19.37
CA LYS A 473 -24.86 22.54 18.43
C LYS A 473 -24.18 22.23 17.07
N ALA A 474 -23.33 23.14 16.55
CA ALA A 474 -22.64 22.93 15.27
C ALA A 474 -21.75 21.69 15.25
N ASP A 475 -21.06 21.43 16.36
CA ASP A 475 -20.15 20.32 16.47
C ASP A 475 -20.88 19.01 16.50
N PHE A 476 -22.01 18.98 17.20
CA PHE A 476 -22.82 17.79 17.31
C PHE A 476 -23.33 17.48 15.93
N GLU A 477 -23.77 18.54 15.24
CA GLU A 477 -24.28 18.42 13.88
C GLU A 477 -23.20 17.95 12.91
N THR A 478 -21.97 18.45 13.04
CA THR A 478 -20.85 18.03 12.20
C THR A 478 -20.62 16.52 12.40
N LEU A 479 -20.67 16.05 13.65
CA LEU A 479 -20.56 14.60 13.92
C LEU A 479 -21.69 13.83 13.30
N GLN A 480 -22.94 14.25 13.49
CA GLN A 480 -24.08 13.64 12.80
C GLN A 480 -23.92 13.63 11.30
N TYR A 481 -23.50 14.76 10.74
CA TYR A 481 -23.31 14.87 9.31
C TYR A 481 -22.29 13.82 8.83
N THR A 482 -21.22 13.66 9.58
CA THR A 482 -20.17 12.76 9.22
C THR A 482 -20.66 11.31 9.18
N PHE A 483 -21.40 10.91 10.22
CA PHE A 483 -21.90 9.55 10.27
C PHE A 483 -22.91 9.29 9.15
N GLU A 484 -23.74 10.28 8.86
CA GLU A 484 -24.71 10.13 7.78
C GLU A 484 -24.00 9.93 6.45
N ARG A 485 -23.00 10.76 6.20
CA ARG A 485 -22.23 10.66 4.98
C ARG A 485 -21.46 9.34 4.86
N MET A 486 -20.89 8.86 5.97
CA MET A 486 -20.24 7.56 6.00
C MET A 486 -21.16 6.44 5.53
N LYS A 487 -22.44 6.46 5.97
CA LYS A 487 -23.36 5.41 5.61
C LYS A 487 -23.74 5.48 4.15
N GLU A 488 -23.90 6.71 3.63
CA GLU A 488 -24.17 6.90 2.23
C GLU A 488 -23.04 6.32 1.38
N SER A 489 -21.82 6.70 1.71
CA SER A 489 -20.62 6.25 0.99
C SER A 489 -20.43 4.75 1.05
N ALA A 490 -20.66 4.16 2.22
CA ALA A 490 -20.57 2.71 2.35
C ALA A 490 -21.54 1.99 1.44
N ASP A 491 -22.79 2.40 1.51
CA ASP A 491 -23.84 1.72 0.71
C ASP A 491 -23.67 1.88 -0.79
N ILE A 492 -23.25 3.07 -1.24
CA ILE A 492 -22.96 3.32 -2.63
C ILE A 492 -21.75 2.54 -3.12
N LEU A 493 -20.68 2.53 -2.33
CA LEU A 493 -19.51 1.78 -2.72
C LEU A 493 -19.81 0.27 -2.85
N LEU A 494 -20.56 -0.27 -1.89
CA LEU A 494 -20.81 -1.71 -1.86
CA LEU A 494 -20.81 -1.70 -1.85
C LEU A 494 -21.45 -2.17 -3.17
N MET A 495 -22.26 -1.30 -3.73
CA MET A 495 -23.02 -1.64 -4.92
C MET A 495 -22.39 -1.18 -6.21
N ASN A 496 -21.23 -0.52 -6.13
CA ASN A 496 -20.62 0.05 -7.33
C ASN A 496 -20.05 -1.09 -8.22
N THR A 497 -20.33 -1.05 -9.50
CA THR A 497 -19.80 -2.00 -10.46
C THR A 497 -18.84 -1.41 -11.49
N GLU A 498 -18.42 -0.16 -11.37
CA GLU A 498 -17.43 0.39 -12.30
C GLU A 498 -16.00 -0.23 -12.10
N ASN A 499 -15.61 -0.45 -10.86
CA ASN A 499 -14.38 -1.16 -10.58
C ASN A 499 -14.75 -2.25 -9.60
N LYS A 500 -15.19 -3.40 -10.13
CA LYS A 500 -15.63 -4.49 -9.28
C LYS A 500 -14.44 -5.01 -8.43
N PRO A 501 -13.24 -5.09 -9.00
CA PRO A 501 -12.15 -5.67 -8.19
C PRO A 501 -11.80 -4.80 -6.98
N LEU A 502 -11.86 -3.48 -7.15
CA LEU A 502 -11.70 -2.54 -6.05
C LEU A 502 -12.70 -2.83 -4.93
N ILE A 503 -13.93 -2.98 -5.30
CA ILE A 503 -15.01 -3.16 -4.32
C ILE A 503 -14.86 -4.49 -3.62
N VAL A 504 -14.42 -5.54 -4.31
CA VAL A 504 -14.14 -6.81 -3.69
C VAL A 504 -13.05 -6.65 -2.61
N GLU A 505 -12.01 -5.87 -2.90
CA GLU A 505 -10.86 -5.69 -1.94
C GLU A 505 -11.36 -5.03 -0.65
N ILE A 506 -12.15 -3.96 -0.80
CA ILE A 506 -12.46 -3.08 0.31
C ILE A 506 -13.71 -3.51 1.05
N THR A 507 -14.53 -4.38 0.44
CA THR A 507 -15.85 -4.73 1.05
C THR A 507 -15.89 -5.02 2.54
N PRO A 508 -14.94 -5.82 3.08
CA PRO A 508 -15.05 -6.08 4.53
C PRO A 508 -14.89 -4.80 5.38
N TRP A 509 -14.00 -3.93 4.93
CA TRP A 509 -13.82 -2.63 5.58
C TRP A 509 -15.00 -1.73 5.36
N VAL A 510 -15.65 -1.78 4.21
CA VAL A 510 -16.84 -1.02 3.98
C VAL A 510 -17.94 -1.41 4.98
N HIS A 511 -18.11 -2.71 5.20
CA HIS A 511 -19.12 -3.18 6.15
C HIS A 511 -18.81 -2.65 7.56
N GLN A 512 -17.57 -2.79 7.96
CA GLN A 512 -17.13 -2.30 9.27
C GLN A 512 -17.30 -0.77 9.46
N PHE A 513 -17.05 -0.03 8.41
CA PHE A 513 -17.17 1.44 8.36
C PHE A 513 -18.64 1.85 8.50
N LYS A 514 -19.52 1.20 7.76
CA LYS A 514 -20.93 1.42 7.94
C LYS A 514 -21.40 1.13 9.38
N LEU A 515 -20.95 0.04 9.97
CA LEU A 515 -21.33 -0.27 11.36
C LEU A 515 -20.79 0.79 12.35
N THR A 516 -19.62 1.29 12.03
CA THR A 516 -19.02 2.35 12.81
C THR A 516 -19.90 3.57 12.78
N ALA A 517 -20.35 3.98 11.59
CA ALA A 517 -21.21 5.10 11.45
C ALA A 517 -22.55 4.92 12.15
N GLU A 518 -23.11 3.73 12.04
CA GLU A 518 -24.36 3.41 12.76
C GLU A 518 -24.17 3.50 14.27
N MET A 519 -23.08 2.96 14.77
CA MET A 519 -22.79 3.06 16.17
C MET A 519 -22.70 4.53 16.61
N GLY A 520 -21.99 5.33 15.82
CA GLY A 520 -21.89 6.75 16.08
C GLY A 520 -23.22 7.44 16.18
N GLU A 521 -24.11 7.21 15.23
CA GLU A 521 -25.42 7.79 15.25
C GLU A 521 -26.20 7.43 16.52
N GLU A 522 -26.13 6.17 16.92
CA GLU A 522 -26.91 5.70 18.08
C GLU A 522 -26.32 6.28 19.34
N VAL A 523 -24.99 6.39 19.40
CA VAL A 523 -24.32 6.98 20.57
C VAL A 523 -24.70 8.46 20.72
N LEU A 524 -24.74 9.21 19.62
CA LEU A 524 -25.21 10.62 19.70
C LEU A 524 -26.66 10.71 20.16
N LYS A 525 -27.50 9.75 19.75
CA LYS A 525 -28.89 9.71 20.26
C LYS A 525 -28.93 9.45 21.76
N MET A 526 -27.97 8.68 22.28
CA MET A 526 -27.83 8.48 23.73
C MET A 526 -27.45 9.80 24.45
N VAL A 527 -26.55 10.57 23.87
CA VAL A 527 -26.21 11.92 24.36
C VAL A 527 -27.44 12.87 24.36
N GLU A 528 -28.24 12.87 23.31
CA GLU A 528 -29.44 13.72 23.24
C GLU A 528 -30.52 13.42 24.31
N GLY A 529 -30.39 12.28 25.01
CA GLY A 529 -30.90 12.10 26.39
C GLY A 529 -32.32 12.48 26.78
N ARG A 530 -33.28 12.19 25.90
CA ARG A 530 -34.71 12.52 26.11
C ARG A 530 -35.48 11.80 27.27
N ASN A 531 -35.44 10.47 27.31
CA ASN A 531 -36.02 9.70 28.43
C ASN A 531 -35.31 8.38 28.67
N GLU A 532 -35.59 7.77 29.81
CA GLU A 532 -34.92 6.57 30.24
C GLU A 532 -35.14 5.38 29.29
N SER A 533 -36.38 5.16 28.83
CA SER A 533 -36.67 4.02 28.01
C SER A 533 -36.06 4.18 26.59
N TYR A 534 -36.02 5.41 26.07
CA TYR A 534 -35.33 5.67 24.80
C TYR A 534 -33.84 5.41 24.90
N PHE A 535 -33.21 5.96 25.92
CA PHE A 535 -31.81 5.71 26.17
C PHE A 535 -31.47 4.23 26.21
N LEU A 536 -32.28 3.45 26.92
CA LEU A 536 -32.02 2.04 27.00
C LEU A 536 -32.15 1.33 25.64
N ARG A 537 -33.13 1.73 24.82
CA ARG A 537 -33.26 1.21 23.48
C ARG A 537 -32.00 1.49 22.66
N LYS A 538 -31.41 2.68 22.83
CA LYS A 538 -30.22 3.07 22.06
C LYS A 538 -29.02 2.29 22.54
N TYR A 539 -28.89 2.21 23.86
CA TYR A 539 -27.92 1.35 24.49
C TYR A 539 -27.95 -0.11 24.00
N ASN A 540 -29.12 -0.75 24.04
CA ASN A 540 -29.24 -2.12 23.53
C ASN A 540 -28.86 -2.22 22.05
N HIS A 541 -29.19 -1.20 21.28
CA HIS A 541 -28.87 -1.20 19.85
C HIS A 541 -27.36 -1.09 19.66
N VAL A 542 -26.73 -0.18 20.40
CA VAL A 542 -25.25 -0.10 20.38
C VAL A 542 -24.59 -1.44 20.73
N LYS A 543 -25.09 -2.13 21.79
CA LYS A 543 -24.49 -3.40 22.16
C LYS A 543 -24.57 -4.42 21.01
N ALA A 544 -25.67 -4.42 20.26
CA ALA A 544 -25.86 -5.31 19.12
C ALA A 544 -24.90 -4.95 18.00
N LEU A 545 -24.72 -3.67 17.76
CA LEU A 545 -23.79 -3.22 16.74
C LEU A 545 -22.35 -3.57 17.13
N GLN A 546 -22.01 -3.47 18.41
CA GLN A 546 -20.70 -3.95 18.85
C GLN A 546 -20.48 -5.43 18.52
N GLN A 547 -21.49 -6.26 18.79
CA GLN A 547 -21.43 -7.68 18.47
C GLN A 547 -21.27 -7.93 16.97
N GLN A 548 -21.97 -7.14 16.15
CA GLN A 548 -21.81 -7.23 14.71
C GLN A 548 -20.44 -6.90 14.24
N MET A 549 -19.84 -5.91 14.86
CA MET A 549 -18.48 -5.52 14.50
C MET A 549 -17.46 -6.59 14.88
N PHE A 550 -17.69 -7.26 15.99
CA PHE A 550 -16.86 -8.41 16.45
C PHE A 550 -16.96 -9.51 15.44
N TYR A 551 -18.18 -9.81 14.97
CA TYR A 551 -18.37 -10.87 13.98
C TYR A 551 -17.60 -10.57 12.67
N ILE A 552 -17.69 -9.35 12.14
CA ILE A 552 -16.86 -8.98 10.96
C ILE A 552 -15.40 -9.20 11.24
N ASP A 553 -14.96 -8.76 12.42
CA ASP A 553 -13.57 -8.85 12.79
C ASP A 553 -13.07 -10.29 12.87
N GLN A 554 -13.95 -11.22 13.20
CA GLN A 554 -13.57 -12.61 13.33
C GLN A 554 -13.82 -13.43 12.09
N THR A 555 -14.60 -12.96 11.14
CA THR A 555 -14.92 -13.75 9.95
C THR A 555 -14.33 -13.19 8.66
N SER A 556 -13.97 -11.91 8.61
CA SER A 556 -13.30 -11.32 7.45
C SER A 556 -11.79 -11.14 7.60
N ASN A 557 -11.07 -11.26 6.47
CA ASN A 557 -9.67 -10.98 6.40
C ASN A 557 -8.93 -11.75 7.48
N GLN A 558 -9.22 -13.06 7.57
CA GLN A 558 -8.59 -13.91 8.56
C GLN A 558 -7.22 -14.39 8.05
N ASN A 559 -6.30 -13.45 7.91
CA ASN A 559 -4.95 -13.71 7.49
C ASN A 559 -4.15 -14.14 8.75
N PRO A 560 -2.97 -14.76 8.55
CA PRO A 560 -2.19 -15.27 9.68
C PRO A 560 -1.48 -14.25 10.53
N CYS A 561 -1.44 -12.99 10.12
CA CYS A 561 -0.55 -12.01 10.76
C CYS A 561 -1.34 -11.00 11.63
N GLN A 562 -2.23 -10.25 11.01
CA GLN A 562 -3.10 -9.28 11.74
C GLN A 562 -4.51 -9.51 11.19
N PRO A 563 -5.24 -10.52 11.72
CA PRO A 563 -6.54 -10.83 11.16
C PRO A 563 -7.58 -9.76 11.53
N GLY A 564 -8.60 -9.70 10.69
CA GLY A 564 -9.74 -8.89 10.96
C GLY A 564 -9.71 -7.55 10.22
N VAL A 565 -10.55 -6.66 10.67
CA VAL A 565 -10.93 -5.47 9.92
C VAL A 565 -11.06 -4.29 10.85
N LYS A 566 -10.16 -3.34 10.69
CA LYS A 566 -10.22 -2.10 11.44
C LYS A 566 -10.37 -0.92 10.51
N THR A 567 -11.13 0.04 10.94
CA THR A 567 -11.49 1.19 10.14
C THR A 567 -11.70 2.41 11.03
N ALA A 568 -11.40 3.58 10.49
CA ALA A 568 -11.68 4.85 11.18
C ALA A 568 -11.14 4.88 12.60
N THR A 569 -9.95 4.40 12.70
CA THR A 569 -9.32 4.06 13.98
C THR A 569 -8.68 5.26 14.69
N ARG A 570 -8.29 6.29 13.94
CA ARG A 570 -7.50 7.36 14.55
C ARG A 570 -8.34 8.29 15.40
N VAL A 571 -9.43 8.77 14.84
CA VAL A 571 -10.29 9.78 15.46
C VAL A 571 -11.69 9.20 15.76
N ILE A 572 -12.32 8.57 14.76
CA ILE A 572 -13.73 8.31 14.84
C ILE A 572 -14.08 7.25 15.88
N LYS A 573 -13.43 6.11 15.81
CA LYS A 573 -13.73 5.03 16.75
C LYS A 573 -13.43 5.46 18.22
N PRO A 574 -12.27 6.11 18.48
CA PRO A 574 -12.05 6.65 19.85
C PRO A 574 -13.09 7.66 20.32
N LEU A 575 -13.56 8.55 19.46
CA LEU A 575 -14.65 9.45 19.80
C LEU A 575 -15.94 8.71 20.19
N ILE A 576 -16.33 7.74 19.37
CA ILE A 576 -17.53 7.01 19.64
C ILE A 576 -17.42 6.23 20.95
N ASP A 577 -16.31 5.53 21.13
CA ASP A 577 -16.10 4.65 22.26
C ASP A 577 -16.05 5.49 23.58
N ARG A 578 -15.32 6.61 23.56
CA ARG A 578 -15.24 7.51 24.73
C ARG A 578 -16.54 8.16 25.11
N THR A 579 -17.34 8.55 24.10
CA THR A 579 -18.60 9.19 24.28
C THR A 579 -19.57 8.15 24.87
N PHE A 580 -19.51 6.92 24.34
CA PHE A 580 -20.35 5.85 24.89
C PHE A 580 -20.03 5.55 26.35
N ALA A 581 -18.75 5.38 26.67
CA ALA A 581 -18.33 5.09 28.04
C ALA A 581 -18.79 6.23 28.99
N THR A 582 -18.61 7.47 28.55
CA THR A 582 -19.02 8.65 29.33
C THR A 582 -20.54 8.75 29.54
N VAL A 583 -21.35 8.58 28.47
CA VAL A 583 -22.77 8.75 28.57
C VAL A 583 -23.38 7.60 29.41
N VAL A 584 -22.75 6.44 29.39
CA VAL A 584 -23.16 5.31 30.23
C VAL A 584 -22.80 5.55 31.72
N LYS A 585 -21.63 6.14 31.98
CA LYS A 585 -21.24 6.55 33.31
C LYS A 585 -22.27 7.55 33.86
N PHE A 586 -22.60 8.58 33.08
CA PHE A 586 -23.61 9.57 33.53
C PHE A 586 -24.97 8.96 33.82
N PHE A 587 -25.40 8.04 32.95
CA PHE A 587 -26.66 7.40 33.11
C PHE A 587 -26.66 6.57 34.40
N ASN A 588 -25.61 5.80 34.63
CA ASN A 588 -25.50 5.00 35.85
C ASN A 588 -25.52 5.88 37.10
N GLN A 589 -24.78 6.99 37.08
CA GLN A 589 -24.78 7.94 38.20
C GLN A 589 -26.17 8.49 38.47
N LYS A 590 -26.83 8.96 37.42
CA LYS A 590 -28.12 9.59 37.54
C LYS A 590 -29.23 8.66 37.97
N PHE A 591 -29.30 7.43 37.43
CA PHE A 591 -30.42 6.52 37.69
C PHE A 591 -30.05 5.35 38.58
N ASN A 592 -28.92 5.44 39.25
CA ASN A 592 -28.45 4.36 40.12
C ASN A 592 -28.41 3.00 39.41
N ALA A 593 -28.03 2.98 38.14
CA ALA A 593 -28.04 1.77 37.34
C ALA A 593 -26.63 1.20 37.23
N HIS A 594 -26.54 0.02 36.60
CA HIS A 594 -25.26 -0.68 36.45
C HIS A 594 -25.04 -1.15 35.00
N LEU A 595 -25.36 -0.31 34.01
CA LEU A 595 -25.10 -0.67 32.59
C LEU A 595 -23.61 -0.86 32.38
N ASP A 596 -23.26 -1.82 31.53
CA ASP A 596 -21.89 -2.12 31.15
C ASP A 596 -21.38 -1.02 30.20
N ALA A 597 -20.19 -0.48 30.48
CA ALA A 597 -19.59 0.62 29.72
C ALA A 597 -18.53 0.17 28.69
N THR A 598 -18.29 -1.14 28.62
CA THR A 598 -17.37 -1.76 27.66
C THR A 598 -17.72 -1.42 26.24
N THR A 599 -16.67 -1.12 25.47
CA THR A 599 -16.82 -0.56 24.14
C THR A 599 -16.57 -1.59 23.01
N ASP A 600 -15.80 -2.66 23.27
CA ASP A 600 -15.62 -3.74 22.31
C ASP A 600 -16.28 -5.03 22.85
N TYR A 601 -17.08 -5.67 22.01
CA TYR A 601 -17.70 -6.91 22.43
C TYR A 601 -16.67 -8.03 22.59
N MET A 602 -16.86 -8.84 23.64
CA MET A 602 -15.94 -9.93 23.97
C MET A 602 -16.78 -11.02 24.60
N PRO A 603 -16.96 -12.17 23.90
CA PRO A 603 -17.85 -13.22 24.44
C PRO A 603 -17.27 -14.00 25.62
N HIS A 604 -15.96 -13.99 25.74
CA HIS A 604 -15.29 -14.66 26.86
C HIS A 604 -15.10 -13.64 27.99
N LYS A 605 -14.90 -14.11 29.23
CA LYS A 605 -14.74 -13.23 30.42
C LYS A 605 -13.39 -13.48 31.10
N MET A 606 -12.81 -12.45 31.69
CA MET A 606 -11.61 -12.60 32.50
C MET A 606 -11.78 -11.83 33.80
N ILE A 607 -11.39 -12.45 34.91
CA ILE A 607 -11.39 -11.81 36.24
C ILE A 607 -10.02 -12.03 36.90
N SER A 608 -9.61 -11.05 37.69
CA SER A 608 -8.30 -11.10 38.33
C SER A 608 -8.29 -10.15 39.51
N ASN A 609 -7.61 -10.58 40.57
CA ASN A 609 -7.24 -9.72 41.71
C ASN A 609 -6.07 -8.81 41.37
N VAL A 610 -5.21 -9.25 40.45
CA VAL A 610 -4.02 -8.49 40.04
C VAL A 610 -4.43 -7.32 39.13
N ILE A 613 -3.46 -6.33 35.69
CA ILE A 613 -4.09 -7.40 34.90
C ILE A 613 -5.60 -7.22 34.77
N LYS A 614 -6.27 -7.00 35.90
CA LYS A 614 -7.74 -6.95 36.02
C LYS A 614 -8.50 -6.31 34.84
N ASN A 615 -7.94 -5.23 34.29
CA ASN A 615 -8.58 -4.43 33.26
C ASN A 615 -7.85 -4.52 31.90
N LEU A 616 -6.94 -5.47 31.74
CA LEU A 616 -6.39 -5.77 30.42
C LEU A 616 -7.53 -6.47 29.62
N PRO A 617 -7.88 -5.92 28.44
CA PRO A 617 -8.94 -6.60 27.69
C PRO A 617 -8.46 -7.93 27.07
N LEU A 618 -9.32 -8.94 27.09
CA LEU A 618 -9.12 -10.16 26.27
C LEU A 618 -9.23 -9.80 24.79
N GLN A 619 -8.47 -10.51 23.94
CA GLN A 619 -8.67 -10.49 22.49
C GLN A 619 -8.89 -11.88 21.93
N VAL A 620 -9.63 -11.95 20.82
CA VAL A 620 -9.77 -13.18 20.07
C VAL A 620 -9.07 -12.99 18.75
N LYS A 621 -8.14 -13.87 18.45
CA LYS A 621 -7.47 -13.82 17.15
C LYS A 621 -7.41 -15.23 16.61
N ALA A 622 -8.13 -15.47 15.52
CA ALA A 622 -8.24 -16.81 14.96
C ALA A 622 -8.72 -17.74 16.08
N ASN A 623 -7.99 -18.81 16.34
CA ASN A 623 -8.38 -19.78 17.38
C ASN A 623 -7.58 -19.54 18.68
N ARG A 624 -7.09 -18.32 18.86
CA ARG A 624 -6.37 -17.89 20.06
C ARG A 624 -7.26 -16.96 20.87
N VAL A 625 -7.23 -17.14 22.19
CA VAL A 625 -7.87 -16.21 23.13
C VAL A 625 -6.74 -15.77 24.04
N LEU A 626 -6.50 -14.46 24.11
CA LEU A 626 -5.32 -13.95 24.77
C LEU A 626 -5.64 -12.72 25.62
N ILE A 627 -4.84 -12.53 26.67
CA ILE A 627 -4.88 -11.29 27.47
C ILE A 627 -3.91 -10.28 26.79
N SER A 628 -4.40 -9.07 26.53
CA SER A 628 -3.60 -7.98 25.96
C SER A 628 -2.32 -7.77 26.79
N PRO A 629 -1.11 -7.82 26.16
CA PRO A 629 0.19 -7.70 26.85
C PRO A 629 0.34 -6.49 27.78
N VAL A 633 5.60 -3.24 34.27
CA VAL A 633 5.83 -4.20 35.34
C VAL A 633 4.53 -4.44 36.13
N VAL A 634 4.23 -5.72 36.38
CA VAL A 634 3.03 -6.14 37.09
C VAL A 634 3.42 -6.68 38.46
N LYS A 635 2.62 -6.32 39.47
CA LYS A 635 2.85 -6.74 40.85
C LYS A 635 1.82 -7.81 41.23
N TRP A 636 2.30 -9.03 41.44
CA TRP A 636 1.46 -10.23 41.61
C TRP A 636 1.62 -10.78 43.02
N ALA A 637 0.64 -10.50 43.88
CA ALA A 637 0.66 -10.95 45.29
C ALA A 637 0.55 -12.49 45.40
N ALA A 638 0.92 -13.01 46.57
CA ALA A 638 0.83 -14.45 46.83
C ALA A 638 -0.65 -14.88 46.94
N GLY A 639 -0.96 -16.05 46.38
CA GLY A 639 -2.33 -16.54 46.28
C GLY A 639 -3.27 -15.76 45.36
N ASN A 640 -2.76 -14.76 44.62
CA ASN A 640 -3.57 -13.97 43.67
C ASN A 640 -3.63 -14.75 42.35
N SER A 641 -4.72 -14.54 41.59
CA SER A 641 -4.95 -15.34 40.37
C SER A 641 -5.57 -14.53 39.22
N VAL A 642 -5.38 -15.04 38.00
CA VAL A 642 -6.12 -14.61 36.79
C VAL A 642 -6.96 -15.79 36.32
N GLU A 643 -8.24 -15.56 36.03
CA GLU A 643 -9.15 -16.61 35.55
C GLU A 643 -9.85 -16.14 34.25
N ILE A 644 -9.75 -16.95 33.18
CA ILE A 644 -10.45 -16.73 31.92
C ILE A 644 -11.56 -17.76 31.82
N GLU A 645 -12.79 -17.28 31.64
CA GLU A 645 -13.91 -18.13 31.34
C GLU A 645 -14.27 -17.95 29.85
N LEU A 646 -14.14 -19.03 29.08
CA LEU A 646 -14.64 -19.05 27.71
C LEU A 646 -16.17 -19.18 27.69
N ASP A 647 -16.76 -18.94 26.52
CA ASP A 647 -18.22 -18.88 26.34
C ASP A 647 -18.80 -20.27 26.12
N ALA A 648 -17.92 -21.25 25.91
CA ALA A 648 -18.28 -22.66 25.84
C ALA A 648 -17.06 -23.53 26.16
N ILE A 649 -17.28 -24.85 26.08
CA ILE A 649 -16.21 -25.83 26.20
C ILE A 649 -15.64 -26.09 24.82
N TYR A 650 -14.33 -25.95 24.68
CA TYR A 650 -13.64 -26.26 23.41
C TYR A 650 -12.51 -27.27 23.69
N PRO A 651 -12.09 -28.04 22.66
CA PRO A 651 -10.84 -28.77 22.81
C PRO A 651 -9.64 -27.82 22.86
N GLY A 652 -8.79 -27.97 23.87
CA GLY A 652 -7.61 -27.11 23.99
C GLY A 652 -6.43 -27.63 23.17
N GLU A 653 -5.67 -26.72 22.56
CA GLU A 653 -4.47 -27.11 21.84
C GLU A 653 -3.23 -26.88 22.70
N ASN A 654 -3.04 -25.65 23.16
CA ASN A 654 -1.86 -25.28 23.96
C ASN A 654 -2.00 -23.93 24.67
N ILE A 655 -1.18 -23.72 25.69
CA ILE A 655 -1.10 -22.45 26.42
C ILE A 655 0.34 -22.01 26.34
N GLN A 656 0.56 -20.74 26.00
CA GLN A 656 1.89 -20.11 25.94
C GLN A 656 1.88 -18.83 26.80
N ILE A 657 2.87 -18.70 27.69
CA ILE A 657 2.93 -17.60 28.68
C ILE A 657 4.37 -17.08 28.73
N ASN A 658 4.53 -15.78 28.90
CA ASN A 658 5.84 -15.14 28.92
C ASN A 658 5.81 -14.03 29.98
N PHE A 659 6.51 -14.28 31.09
CA PHE A 659 6.70 -13.30 32.14
C PHE A 659 8.08 -12.66 31.99
N LEU A 670 -0.90 -23.05 36.96
CA LEU A 670 -1.78 -23.14 35.77
C LEU A 670 -2.73 -24.32 35.86
N GLU A 671 -4.03 -24.05 35.84
CA GLU A 671 -5.06 -25.08 35.87
C GLU A 671 -6.12 -24.86 34.77
N ILE A 672 -6.83 -25.93 34.42
CA ILE A 672 -7.97 -25.84 33.50
C ILE A 672 -9.14 -26.59 34.10
N SER A 673 -10.32 -26.27 33.60
CA SER A 673 -11.53 -26.90 34.07
C SER A 673 -12.59 -26.75 32.99
N THR A 674 -13.67 -27.53 33.10
CA THR A 674 -14.86 -27.39 32.24
C THR A 674 -16.09 -26.82 32.94
N ASP A 675 -16.15 -26.97 34.27
CA ASP A 675 -17.28 -26.44 35.04
C ASP A 675 -16.89 -25.37 36.07
N GLY A 676 -15.59 -25.11 36.22
CA GLY A 676 -15.12 -24.11 37.19
C GLY A 676 -14.81 -24.63 38.60
N LYS A 677 -15.34 -25.81 38.92
CA LYS A 677 -15.22 -26.40 40.26
C LYS A 677 -14.16 -27.50 40.29
N GLU A 678 -14.30 -28.52 39.45
CA GLU A 678 -13.29 -29.60 39.33
C GLU A 678 -12.13 -29.14 38.43
N TRP A 679 -10.93 -29.03 39.01
CA TRP A 679 -9.74 -28.52 38.31
C TRP A 679 -8.72 -29.62 38.00
N LYS A 680 -7.77 -29.27 37.14
CA LYS A 680 -6.68 -30.17 36.76
C LYS A 680 -5.45 -29.32 36.41
N THR A 681 -4.28 -29.71 36.92
CA THR A 681 -3.06 -28.95 36.76
C THR A 681 -2.37 -29.29 35.44
N VAL A 682 -1.78 -28.28 34.83
CA VAL A 682 -1.02 -28.41 33.57
C VAL A 682 0.39 -27.88 33.83
N ASP A 683 1.41 -28.72 33.59
CA ASP A 683 2.78 -28.36 33.92
C ASP A 683 3.42 -27.65 32.73
N LEU A 684 3.95 -26.46 32.98
CA LEU A 684 4.58 -25.67 31.93
C LEU A 684 6.04 -26.08 31.74
N LYS A 685 6.45 -26.30 30.49
CA LYS A 685 7.86 -26.43 30.12
C LYS A 685 8.43 -25.05 29.87
N GLN A 686 9.76 -24.93 29.84
CA GLN A 686 10.41 -23.63 29.69
C GLN A 686 11.63 -23.63 28.75
N LYS A 687 11.78 -22.53 28.01
CA LYS A 687 12.99 -22.25 27.25
C LYS A 687 13.19 -20.72 27.18
N GLU A 688 14.12 -20.23 28.00
CA GLU A 688 14.28 -18.79 28.30
C GLU A 688 13.02 -18.28 29.05
N SER A 689 12.42 -17.16 28.63
CA SER A 689 11.19 -16.65 29.26
C SER A 689 9.89 -17.36 28.78
N ARG A 690 9.97 -18.12 27.68
CA ARG A 690 8.79 -18.77 27.07
C ARG A 690 8.34 -20.04 27.81
N LEU A 691 7.18 -19.94 28.46
CA LEU A 691 6.49 -21.08 29.08
C LEU A 691 5.45 -21.64 28.13
N SER A 692 5.26 -22.95 28.11
CA SER A 692 4.28 -23.57 27.20
C SER A 692 3.92 -24.99 27.58
N ALA A 693 2.68 -25.36 27.28
CA ALA A 693 2.13 -26.69 27.55
C ALA A 693 1.02 -27.05 26.56
N GLY A 694 1.18 -28.17 25.86
CA GLY A 694 0.09 -28.77 25.08
C GLY A 694 -1.03 -29.26 25.97
N LEU A 695 -2.26 -29.24 25.46
CA LEU A 695 -3.45 -29.65 26.21
C LEU A 695 -4.06 -30.92 25.61
N GLN A 696 -3.51 -31.40 24.49
CA GLN A 696 -3.87 -32.70 23.92
C GLN A 696 -5.40 -32.82 23.76
N LYS A 697 -6.01 -31.76 23.20
CA LYS A 697 -7.45 -31.72 22.92
C LYS A 697 -8.32 -31.84 24.18
N ALA A 698 -7.76 -31.54 25.36
CA ALA A 698 -8.51 -31.68 26.64
C ALA A 698 -9.63 -30.65 26.61
N PRO A 699 -10.85 -31.02 27.04
CA PRO A 699 -11.93 -30.00 27.12
C PRO A 699 -11.58 -28.83 28.05
N VAL A 700 -11.78 -27.60 27.60
CA VAL A 700 -11.42 -26.40 28.35
C VAL A 700 -12.54 -25.38 28.24
N LYS A 701 -12.95 -24.88 29.40
CA LYS A 701 -13.80 -23.70 29.51
C LYS A 701 -13.17 -22.62 30.42
N PHE A 702 -12.50 -23.03 31.49
CA PHE A 702 -11.83 -22.13 32.44
C PHE A 702 -10.34 -22.38 32.37
N VAL A 703 -9.56 -21.30 32.42
CA VAL A 703 -8.11 -21.34 32.53
C VAL A 703 -7.75 -20.42 33.68
N ARG A 704 -6.97 -20.93 34.64
CA ARG A 704 -6.55 -20.16 35.84
C ARG A 704 -5.06 -20.31 36.08
N PHE A 705 -4.40 -19.18 36.35
CA PHE A 705 -2.99 -19.17 36.79
C PHE A 705 -2.93 -18.53 38.18
N THR A 706 -2.16 -19.13 39.08
CA THR A 706 -2.03 -18.65 40.48
C THR A 706 -0.51 -18.62 40.84
N ASN A 707 0.04 -17.42 41.12
CA ASN A 707 1.50 -17.18 41.35
C ASN A 707 2.45 -17.40 40.16
N LEU A 717 3.14 -8.96 31.91
CA LEU A 717 2.94 -10.06 30.96
C LEU A 717 3.15 -9.65 29.50
N ARG A 718 4.17 -10.24 28.90
CA ARG A 718 4.43 -10.10 27.46
C ARG A 718 3.56 -11.06 26.62
N GLN A 719 3.00 -12.09 27.28
CA GLN A 719 2.26 -13.14 26.58
C GLN A 719 1.41 -13.98 27.55
N PHE A 720 0.11 -14.09 27.27
CA PHE A 720 -0.78 -15.07 27.91
C PHE A 720 -1.82 -15.51 26.86
N VAL A 721 -1.61 -16.65 26.20
CA VAL A 721 -2.39 -17.05 25.01
C VAL A 721 -2.81 -18.52 25.09
N LEU A 722 -4.13 -18.75 25.10
CA LEU A 722 -4.72 -20.09 24.97
C LEU A 722 -5.09 -20.33 23.51
N THR A 723 -4.64 -21.43 22.96
CA THR A 723 -5.05 -21.83 21.61
C THR A 723 -6.04 -22.99 21.71
N ILE A 724 -7.19 -22.87 21.02
CA ILE A 724 -8.25 -23.87 21.07
C ILE A 724 -8.53 -24.40 19.66
N GLU A 725 -9.27 -25.49 19.59
CA GLU A 725 -9.70 -26.02 18.29
C GLU A 725 -11.00 -25.30 17.92
N LYS A 726 -10.94 -24.58 16.81
CA LYS A 726 -12.06 -23.75 16.37
C LYS A 726 -12.30 -23.89 14.85
N LYS A 727 -13.50 -23.49 14.41
CA LYS A 727 -13.90 -23.43 12.99
C LYS A 727 -13.92 -24.80 12.31
C4 7NQ B . 7.34 -12.24 7.45
C5 7NQ B . 5.10 -12.36 8.45
C6 7NQ B . 3.70 -12.81 8.09
C11 7NQ B . 11.99 -10.66 8.06
C7 7NQ B . 2.70 -12.54 9.19
C8 7NQ B . 9.21 -10.94 7.93
C9 7NQ B . 9.79 -9.74 8.40
C10 7NQ B . 11.15 -9.61 8.47
C12 7NQ B . 11.45 -11.83 7.58
C13 7NQ B . 10.07 -11.99 7.52
N1 7NQ B . 8.11 -13.30 7.05
N2 7NQ B . 5.97 -12.38 7.41
C3 7NQ B . 9.42 -13.19 7.05
N3 7NQ B . 7.84 -11.07 7.89
C1 7NQ B . 10.07 -16.34 5.61
C2 7NQ B . 10.04 -14.85 5.38
O1 7NQ B . 10.21 -14.21 6.66
O2 7NQ B . 5.41 -12.03 9.58
C1 EDO C . 8.55 -5.44 3.06
O1 EDO C . 7.18 -5.67 3.28
C2 EDO C . 8.72 -4.18 3.86
O2 EDO C . 7.48 -4.00 4.56
C1 EDO D . 11.22 -5.82 7.83
O1 EDO D . 10.25 -5.97 8.86
C2 EDO D . 10.52 -5.47 6.52
O2 EDO D . 9.73 -6.57 6.04
C1 EDO E . 12.44 -3.19 2.24
C1 EDO E . 11.60 -4.09 2.11
O1 EDO E . 11.41 -3.31 3.19
O1 EDO E . 11.80 -3.63 3.42
C2 EDO E . 12.87 -4.56 1.83
C2 EDO E . 12.11 -5.51 1.98
O2 EDO E . 13.47 -4.34 0.61
O2 EDO E . 11.25 -6.56 2.43
C1 EDO F . -31.92 10.18 29.96
O1 EDO F . -31.96 11.11 31.05
C2 EDO F . -30.49 9.76 29.65
O2 EDO F . -29.51 10.25 30.59
C1 EDO G . 3.95 -15.93 -11.48
O1 EDO G . 3.57 -16.82 -10.43
C2 EDO G . 2.98 -15.99 -12.65
O2 EDO G . 1.68 -15.76 -12.19
CA CA H . 10.85 6.26 -35.20
#